data_6SIY
#
_entry.id   6SIY
#
_cell.length_a   107.373
_cell.length_b   138.584
_cell.length_c   130.414
_cell.angle_alpha   90.000
_cell.angle_beta   90.000
_cell.angle_gamma   90.000
#
_symmetry.space_group_name_H-M   'C 2 2 21'
#
loop_
_entity.id
_entity.type
_entity.pdbx_description
1 polymer 'AMP-dependent synthetase and ligase'
2 non-polymer '3-HYDROXYANTHRANILIC ACID'
3 non-polymer 'ADENOSINE MONOPHOSPHATE'
4 non-polymer 'ZINC ION'
5 non-polymer 1,2-ETHANEDIOL
6 non-polymer 'MAGNESIUM ION'
7 non-polymer DI(HYDROXYETHYL)ETHER
8 water water
#
_entity_poly.entity_id   1
_entity_poly.type   'polypeptide(L)'
_entity_poly.pdbx_seq_one_letter_code
;MSRSRPELGDWSSPAELAELQRSQLPRVLAQALRSPFYAARYRGTTPPRTADDFAGVEVTAKQDLRDQYPFGMLAVGREH
LATYHESSGTAGEPTASYYTEEDWTDLAERFARKWTGIHPSDTFLVRTPYGLVITGHLAQAAGRLRGATVVPGDARSLAT
PLSRMVRVLKTLDVTLTWCNPTEITMLAAAAKAAGLRPDQDFPHLRAMFTAAEPLTEVRRRRLSEIWGGIPVVEEYGSTE
TGTIAGQCPEGRMHLWADRAIFEVYDPRTGTLSEAGRGQMVVTPLYRDAMPLLRYNLADDVEVSTDPCGCGWLLPTVTVL
GRAGTGHRIGPATVTQQRLEELVFSLPAAYEVMFWRAKAHPDVLELEFEAPEPVRQRAVKELGAALDRELGVPHRITGLA
PGTLVPAEALTAQRDILKARYLFAEDEDWDKAVMYF
;
_entity_poly.pdbx_strand_id   A,B
#
# COMPACT_ATOMS: atom_id res chain seq x y z
N SER A 4 -5.12 18.30 24.55
CA SER A 4 -4.97 19.30 23.43
C SER A 4 -6.18 19.22 22.47
N ARG A 5 -6.73 18.02 22.24
CA ARG A 5 -7.92 17.80 21.37
C ARG A 5 -9.01 17.12 22.18
N PRO A 6 -10.30 17.47 21.97
CA PRO A 6 -11.38 16.98 22.83
C PRO A 6 -11.63 15.48 22.64
N GLU A 7 -12.17 14.84 23.68
CA GLU A 7 -12.50 13.40 23.75
C GLU A 7 -14.01 13.23 23.94
N LEU A 8 -14.57 12.11 23.49
CA LEU A 8 -15.99 11.79 23.76
C LEU A 8 -16.21 11.89 25.26
N GLY A 9 -17.19 12.69 25.70
CA GLY A 9 -17.53 12.88 27.13
C GLY A 9 -16.99 14.19 27.70
N ASP A 10 -16.26 14.99 26.92
CA ASP A 10 -15.72 16.32 27.36
C ASP A 10 -16.81 17.39 27.35
N TRP A 11 -17.97 17.12 26.74
CA TRP A 11 -19.15 18.04 26.75
C TRP A 11 -20.37 17.29 27.28
N SER A 12 -21.24 17.99 28.01
CA SER A 12 -22.43 17.41 28.68
C SER A 12 -23.72 18.03 28.12
N SER A 13 -23.62 18.87 27.08
CA SER A 13 -24.78 19.53 26.41
C SER A 13 -24.37 20.04 25.03
N PRO A 14 -25.35 20.29 24.13
CA PRO A 14 -25.07 20.87 22.82
C PRO A 14 -24.43 22.27 22.90
N ALA A 15 -24.77 23.03 23.94
CA ALA A 15 -24.20 24.37 24.22
C ALA A 15 -22.70 24.22 24.51
N GLU A 16 -22.30 23.24 25.31
CA GLU A 16 -20.87 22.99 25.64
C GLU A 16 -20.13 22.54 24.35
N LEU A 17 -20.73 21.65 23.57
CA LEU A 17 -20.14 21.19 22.28
C LEU A 17 -19.86 22.42 21.41
N ALA A 18 -20.87 23.28 21.24
CA ALA A 18 -20.82 24.50 20.39
C ALA A 18 -19.66 25.41 20.83
N GLU A 19 -19.41 25.56 22.14
CA GLU A 19 -18.30 26.40 22.64
C GLU A 19 -16.96 25.69 22.39
N LEU A 20 -16.87 24.36 22.51
CA LEU A 20 -15.62 23.63 22.14
C LEU A 20 -15.25 23.96 20.68
N GLN A 21 -16.26 24.09 19.81
CA GLN A 21 -16.05 24.40 18.37
C GLN A 21 -15.66 25.86 18.22
N ARG A 22 -16.46 26.77 18.78
CA ARG A 22 -16.38 28.25 18.62
C ARG A 22 -14.97 28.72 19.03
N SER A 23 -14.41 28.13 20.09
CA SER A 23 -13.10 28.50 20.68
C SER A 23 -11.95 28.24 19.68
N GLN A 24 -12.14 27.36 18.70
CA GLN A 24 -11.06 26.99 17.75
C GLN A 24 -11.09 27.90 16.50
N LEU A 25 -12.16 28.66 16.27
CA LEU A 25 -12.42 29.31 14.96
C LEU A 25 -11.42 30.43 14.67
N PRO A 26 -10.97 31.23 15.67
CA PRO A 26 -9.94 32.24 15.41
C PRO A 26 -8.65 31.59 14.87
N ARG A 27 -8.17 30.53 15.52
CA ARG A 27 -6.95 29.83 15.05
C ARG A 27 -7.19 29.30 13.63
N VAL A 28 -8.34 28.67 13.40
CA VAL A 28 -8.69 28.00 12.12
C VAL A 28 -8.75 29.05 11.00
N LEU A 29 -9.40 30.19 11.25
CA LEU A 29 -9.57 31.25 10.23
C LEU A 29 -8.21 31.91 9.94
N ALA A 30 -7.41 32.17 10.96
CA ALA A 30 -6.03 32.68 10.82
C ALA A 30 -5.19 31.69 9.99
N GLN A 31 -5.32 30.38 10.23
CA GLN A 31 -4.50 29.35 9.52
C GLN A 31 -4.95 29.31 8.06
N ALA A 32 -6.27 29.33 7.80
CA ALA A 32 -6.85 29.29 6.43
C ALA A 32 -6.27 30.42 5.58
N LEU A 33 -6.21 31.65 6.11
CA LEU A 33 -5.74 32.83 5.34
C LEU A 33 -4.27 32.67 4.93
N ARG A 34 -3.52 31.76 5.55
CA ARG A 34 -2.08 31.53 5.21
C ARG A 34 -1.96 30.82 3.86
N SER A 35 -3.02 30.15 3.41
CA SER A 35 -3.03 29.39 2.12
C SER A 35 -3.25 30.36 0.96
N PRO A 36 -2.58 30.16 -0.19
CA PRO A 36 -2.80 31.00 -1.37
C PRO A 36 -4.27 31.10 -1.80
N PHE A 37 -5.06 30.03 -1.66
CA PHE A 37 -6.48 30.01 -2.07
C PHE A 37 -7.28 31.02 -1.26
N TYR A 38 -7.24 30.96 0.07
CA TYR A 38 -8.05 31.81 0.98
C TYR A 38 -7.50 33.24 1.01
N ALA A 39 -6.18 33.43 0.94
CA ALA A 39 -5.53 34.76 0.87
C ALA A 39 -6.03 35.48 -0.41
N ALA A 40 -6.13 34.76 -1.52
CA ALA A 40 -6.67 35.27 -2.80
C ALA A 40 -8.17 35.58 -2.65
N ARG A 41 -8.95 34.66 -2.07
CA ARG A 41 -10.41 34.84 -1.85
C ARG A 41 -10.69 36.13 -1.08
N TYR A 42 -9.88 36.46 -0.06
CA TYR A 42 -10.13 37.60 0.88
C TYR A 42 -9.14 38.75 0.64
N ARG A 43 -8.45 38.71 -0.52
CA ARG A 43 -7.65 39.85 -1.02
C ARG A 43 -8.54 41.10 -1.10
N GLY A 44 -8.00 42.28 -0.77
CA GLY A 44 -8.66 43.57 -0.97
C GLY A 44 -9.68 43.89 0.11
N THR A 45 -10.21 42.88 0.83
CA THR A 45 -11.20 43.04 1.93
C THR A 45 -10.55 42.62 3.25
N THR A 46 -11.28 42.84 4.36
CA THR A 46 -10.87 42.45 5.74
C THR A 46 -11.37 41.02 5.96
N PRO A 47 -10.48 40.04 6.28
CA PRO A 47 -10.88 38.64 6.39
C PRO A 47 -11.76 38.34 7.61
N PRO A 48 -12.45 37.17 7.65
CA PRO A 48 -13.08 36.71 8.89
C PRO A 48 -11.99 36.23 9.85
N ARG A 49 -12.03 36.66 11.12
CA ARG A 49 -11.00 36.30 12.14
C ARG A 49 -11.66 35.79 13.43
N THR A 50 -12.94 36.08 13.68
CA THR A 50 -13.67 35.70 14.91
C THR A 50 -14.72 34.63 14.57
N ALA A 51 -15.23 33.94 15.59
CA ALA A 51 -16.24 32.86 15.50
C ALA A 51 -17.54 33.38 14.86
N ASP A 52 -17.99 34.58 15.25
CA ASP A 52 -19.25 35.18 14.74
C ASP A 52 -19.12 35.45 13.23
N ASP A 53 -17.91 35.82 12.77
CA ASP A 53 -17.60 36.08 11.34
C ASP A 53 -17.77 34.82 10.51
N PHE A 54 -17.69 33.65 11.13
CA PHE A 54 -17.72 32.33 10.45
C PHE A 54 -19.08 32.11 9.77
N ALA A 55 -20.17 32.67 10.32
CA ALA A 55 -21.52 32.62 9.70
C ALA A 55 -21.46 33.23 8.29
N GLY A 56 -20.58 34.22 8.05
CA GLY A 56 -20.42 34.91 6.76
C GLY A 56 -19.61 34.14 5.73
N VAL A 57 -18.86 33.11 6.14
CA VAL A 57 -17.79 32.50 5.29
C VAL A 57 -18.41 31.75 4.11
N GLU A 58 -17.84 31.95 2.92
CA GLU A 58 -18.26 31.35 1.63
C GLU A 58 -17.82 29.88 1.57
N VAL A 59 -18.70 29.00 1.08
CA VAL A 59 -18.40 27.54 0.86
C VAL A 59 -17.17 27.38 -0.04
N THR A 60 -16.42 26.31 0.21
CA THR A 60 -15.31 25.81 -0.64
C THR A 60 -15.80 24.56 -1.35
N ALA A 61 -15.79 24.55 -2.69
CA ALA A 61 -16.29 23.43 -3.53
C ALA A 61 -15.13 22.49 -3.89
N LYS A 62 -15.46 21.24 -4.22
CA LYS A 62 -14.50 20.28 -4.82
C LYS A 62 -13.73 20.93 -5.96
N GLN A 63 -14.44 21.67 -6.80
CA GLN A 63 -13.87 22.31 -8.02
C GLN A 63 -12.73 23.23 -7.60
N ASP A 64 -12.83 23.87 -6.43
CA ASP A 64 -11.76 24.76 -5.90
C ASP A 64 -10.51 23.93 -5.62
N LEU A 65 -10.66 22.82 -4.91
CA LEU A 65 -9.53 21.91 -4.57
C LEU A 65 -8.87 21.43 -5.87
N ARG A 66 -9.64 21.16 -6.94
CA ARG A 66 -9.10 20.69 -8.25
C ARG A 66 -8.34 21.84 -8.93
N ASP A 67 -8.93 23.04 -8.97
CA ASP A 67 -8.32 24.24 -9.59
C ASP A 67 -6.98 24.57 -8.90
N GLN A 68 -6.85 24.25 -7.61
CA GLN A 68 -5.69 24.65 -6.79
C GLN A 68 -4.62 23.55 -6.81
N TYR A 69 -4.81 22.47 -7.57
CA TYR A 69 -3.80 21.38 -7.71
C TYR A 69 -2.44 21.99 -8.06
N PRO A 70 -1.30 21.58 -7.44
CA PRO A 70 -1.28 20.69 -6.28
C PRO A 70 -1.37 21.34 -4.88
N PHE A 71 -0.76 22.51 -4.68
CA PHE A 71 -0.48 23.10 -3.34
C PHE A 71 -1.07 24.51 -3.18
N GLY A 72 -2.15 24.83 -3.89
CA GLY A 72 -2.88 26.10 -3.74
C GLY A 72 -3.58 26.21 -2.39
N MET A 73 -3.88 25.09 -1.73
CA MET A 73 -4.56 25.07 -0.40
C MET A 73 -3.54 24.93 0.74
N LEU A 74 -2.24 25.05 0.46
CA LEU A 74 -1.15 24.75 1.44
C LEU A 74 -0.90 25.96 2.34
N ALA A 75 -1.01 25.78 3.66
CA ALA A 75 -0.91 26.87 4.67
C ALA A 75 0.41 26.77 5.47
N VAL A 76 1.23 25.74 5.24
CA VAL A 76 2.54 25.58 5.94
C VAL A 76 3.63 25.37 4.90
N GLY A 77 4.90 25.57 5.30
CA GLY A 77 6.07 25.13 4.53
C GLY A 77 5.99 23.64 4.23
N ARG A 78 6.48 23.23 3.06
CA ARG A 78 6.41 21.80 2.64
C ARG A 78 7.29 20.95 3.55
N GLU A 79 8.27 21.56 4.23
CA GLU A 79 9.16 20.84 5.18
C GLU A 79 8.31 20.22 6.31
N HIS A 80 7.15 20.79 6.63
CA HIS A 80 6.26 20.34 7.74
C HIS A 80 5.29 19.24 7.29
N LEU A 81 5.14 18.96 5.99
CA LEU A 81 4.20 17.90 5.53
C LEU A 81 4.77 16.53 5.93
N ALA A 82 3.91 15.63 6.38
CA ALA A 82 4.26 14.21 6.64
C ALA A 82 3.93 13.37 5.40
N THR A 83 2.68 13.44 4.91
CA THR A 83 2.24 12.67 3.73
C THR A 83 1.41 13.55 2.79
N TYR A 84 1.37 13.12 1.53
CA TYR A 84 0.57 13.70 0.42
C TYR A 84 -0.35 12.57 -0.10
N HIS A 85 -1.57 12.94 -0.47
CA HIS A 85 -2.58 11.99 -0.97
C HIS A 85 -3.37 12.62 -2.10
N GLU A 86 -4.02 11.80 -2.91
CA GLU A 86 -4.98 12.28 -3.93
C GLU A 86 -6.25 11.45 -3.77
N SER A 87 -7.38 12.06 -4.10
CA SER A 87 -8.74 11.48 -3.96
C SER A 87 -8.95 10.42 -5.02
N SER A 88 -9.93 9.53 -4.77
CA SER A 88 -10.49 8.60 -5.77
C SER A 88 -11.38 9.40 -6.74
N GLY A 89 -12.09 8.72 -7.65
CA GLY A 89 -12.81 9.36 -8.77
C GLY A 89 -11.88 9.69 -9.93
N THR A 90 -12.21 10.75 -10.68
CA THR A 90 -11.54 11.15 -11.94
C THR A 90 -10.03 11.30 -11.71
N ALA A 91 -9.23 10.53 -12.45
CA ALA A 91 -7.76 10.65 -12.50
C ALA A 91 -7.41 11.91 -13.31
N GLY A 92 -8.27 12.31 -14.25
CA GLY A 92 -8.07 13.48 -15.13
C GLY A 92 -7.94 14.78 -14.37
N GLU A 93 -8.67 14.91 -13.25
CA GLU A 93 -8.67 16.11 -12.40
C GLU A 93 -8.35 15.70 -10.96
N PRO A 94 -7.05 15.57 -10.62
CA PRO A 94 -6.65 15.11 -9.30
C PRO A 94 -7.01 16.12 -8.20
N THR A 95 -7.38 15.60 -7.03
CA THR A 95 -7.66 16.37 -5.80
C THR A 95 -6.60 16.02 -4.76
N ALA A 96 -5.69 16.95 -4.48
CA ALA A 96 -4.55 16.77 -3.57
C ALA A 96 -4.98 17.09 -2.12
N SER A 97 -4.54 16.27 -1.18
CA SER A 97 -4.68 16.56 0.27
C SER A 97 -3.38 16.14 0.94
N TYR A 98 -3.01 16.79 2.04
CA TYR A 98 -1.68 16.65 2.68
C TYR A 98 -1.84 17.04 4.13
N TYR A 99 -0.97 16.49 4.97
CA TYR A 99 -1.13 16.45 6.45
C TYR A 99 0.24 16.55 7.12
N THR A 100 0.37 17.43 8.12
CA THR A 100 1.52 17.42 9.08
C THR A 100 1.38 16.18 9.97
N GLU A 101 2.42 15.88 10.76
CA GLU A 101 2.38 14.82 11.79
C GLU A 101 1.22 15.07 12.76
N GLU A 102 0.99 16.32 13.16
CA GLU A 102 -0.03 16.70 14.17
C GLU A 102 -1.41 16.54 13.56
N ASP A 103 -1.58 16.96 12.30
CA ASP A 103 -2.80 16.68 11.49
C ASP A 103 -3.11 15.17 11.56
N TRP A 104 -2.08 14.32 11.45
CA TRP A 104 -2.25 12.85 11.39
C TRP A 104 -2.79 12.31 12.72
N THR A 105 -2.37 12.87 13.84
CA THR A 105 -2.84 12.40 15.16
C THR A 105 -4.35 12.63 15.25
N ASP A 106 -4.86 13.77 14.78
CA ASP A 106 -6.33 14.04 14.74
C ASP A 106 -7.02 13.00 13.86
N LEU A 107 -6.52 12.78 12.63
CA LEU A 107 -7.07 11.79 11.67
C LEU A 107 -7.17 10.41 12.34
N ALA A 108 -6.09 9.96 12.94
CA ALA A 108 -5.97 8.62 13.51
C ALA A 108 -6.95 8.48 14.69
N GLU A 109 -7.09 9.51 15.53
CA GLU A 109 -7.99 9.48 16.71
C GLU A 109 -9.43 9.30 16.21
N ARG A 110 -9.80 10.02 15.15
CA ARG A 110 -11.19 10.00 14.62
C ARG A 110 -11.51 8.60 14.08
N PHE A 111 -10.61 7.99 13.29
CA PHE A 111 -10.83 6.62 12.79
C PHE A 111 -10.98 5.67 13.98
N ALA A 112 -10.13 5.84 14.99
CA ALA A 112 -10.05 4.94 16.17
C ALA A 112 -11.33 5.01 17.01
N ARG A 113 -12.24 5.96 16.78
CA ARG A 113 -13.55 6.00 17.50
C ARG A 113 -14.45 4.89 16.95
N LYS A 114 -14.11 3.64 17.26
CA LYS A 114 -14.87 2.43 16.88
C LYS A 114 -15.50 1.90 18.17
N TRP A 115 -16.82 1.81 18.23
CA TRP A 115 -17.56 1.47 19.47
C TRP A 115 -17.14 0.07 19.96
N THR A 116 -16.60 -0.76 19.07
CA THR A 116 -16.08 -2.13 19.40
C THR A 116 -14.69 -2.06 20.02
N GLY A 117 -14.03 -0.90 19.93
CA GLY A 117 -12.63 -0.75 20.35
C GLY A 117 -11.64 -1.23 19.29
N ILE A 118 -10.42 -0.70 19.36
CA ILE A 118 -9.18 -1.26 18.74
C ILE A 118 -8.15 -1.38 19.86
N HIS A 119 -7.69 -2.61 20.12
CA HIS A 119 -6.85 -2.96 21.27
C HIS A 119 -5.57 -3.64 20.79
N PRO A 120 -4.51 -3.69 21.64
CA PRO A 120 -3.33 -4.51 21.39
C PRO A 120 -3.62 -5.99 21.11
N SER A 121 -4.71 -6.52 21.66
CA SER A 121 -5.11 -7.95 21.48
C SER A 121 -5.67 -8.17 20.05
N ASP A 122 -5.86 -7.11 19.27
CA ASP A 122 -6.46 -7.21 17.91
C ASP A 122 -5.36 -7.46 16.87
N THR A 123 -5.69 -8.29 15.87
CA THR A 123 -4.98 -8.42 14.59
C THR A 123 -5.89 -7.84 13.52
N PHE A 124 -5.44 -6.74 12.90
CA PHE A 124 -6.25 -5.82 12.08
C PHE A 124 -5.82 -5.91 10.61
N LEU A 125 -6.66 -6.54 9.78
CA LEU A 125 -6.41 -6.65 8.31
C LEU A 125 -6.90 -5.37 7.64
N VAL A 126 -5.99 -4.57 7.12
CA VAL A 126 -6.31 -3.32 6.39
C VAL A 126 -6.43 -3.68 4.91
N ARG A 127 -7.66 -3.67 4.37
CA ARG A 127 -7.94 -4.15 2.99
C ARG A 127 -8.62 -3.02 2.20
N THR A 128 -7.99 -1.85 2.21
CA THR A 128 -8.31 -0.70 1.34
C THR A 128 -6.99 -0.26 0.71
N PRO A 129 -7.03 0.58 -0.34
CA PRO A 129 -5.81 0.90 -1.07
C PRO A 129 -4.83 1.79 -0.28
N TYR A 130 -3.54 1.60 -0.57
CA TYR A 130 -2.43 2.45 -0.08
C TYR A 130 -1.88 3.31 -1.22
N GLY A 131 -2.40 3.14 -2.44
CA GLY A 131 -1.89 3.85 -3.64
C GLY A 131 -2.51 5.22 -3.75
N LEU A 132 -1.76 6.24 -3.31
CA LEU A 132 -2.12 7.70 -3.26
C LEU A 132 -3.28 8.00 -2.30
N VAL A 133 -4.36 7.21 -2.32
CA VAL A 133 -5.52 7.47 -1.43
C VAL A 133 -5.08 7.31 0.03
N ILE A 134 -5.82 7.91 0.94
CA ILE A 134 -5.45 7.96 2.38
C ILE A 134 -5.91 6.70 3.11
N THR A 135 -6.91 5.97 2.58
CA THR A 135 -7.74 5.02 3.36
C THR A 135 -6.88 3.95 4.05
N GLY A 136 -5.96 3.30 3.32
CA GLY A 136 -5.07 2.27 3.89
C GLY A 136 -4.19 2.85 5.00
N HIS A 137 -3.59 4.01 4.73
CA HIS A 137 -2.66 4.71 5.64
C HIS A 137 -3.43 5.10 6.92
N LEU A 138 -4.67 5.54 6.76
CA LEU A 138 -5.52 6.01 7.88
C LEU A 138 -5.77 4.84 8.82
N ALA A 139 -6.27 3.71 8.31
CA ALA A 139 -6.56 2.52 9.14
C ALA A 139 -5.25 2.05 9.79
N GLN A 140 -4.15 2.03 9.04
CA GLN A 140 -2.85 1.59 9.60
C GLN A 140 -2.43 2.52 10.75
N ALA A 141 -2.59 3.84 10.61
CA ALA A 141 -2.16 4.81 11.64
C ALA A 141 -3.01 4.64 12.90
N ALA A 142 -4.32 4.40 12.76
CA ALA A 142 -5.22 4.15 13.89
C ALA A 142 -4.82 2.84 14.58
N GLY A 143 -4.55 1.80 13.79
CA GLY A 143 -4.10 0.49 14.31
C GLY A 143 -2.86 0.65 15.18
N ARG A 144 -1.91 1.46 14.74
CA ARG A 144 -0.64 1.64 15.46
C ARG A 144 -0.88 2.57 16.65
N LEU A 145 -1.75 3.58 16.53
CA LEU A 145 -2.12 4.46 17.65
C LEU A 145 -2.61 3.59 18.80
N ARG A 146 -3.42 2.56 18.53
CA ARG A 146 -4.07 1.69 19.55
C ARG A 146 -3.28 0.39 19.84
N GLY A 147 -2.16 0.12 19.16
CA GLY A 147 -1.28 -1.04 19.45
C GLY A 147 -1.73 -2.35 18.80
N ALA A 148 -2.71 -2.32 17.89
CA ALA A 148 -3.21 -3.52 17.17
C ALA A 148 -2.14 -3.99 16.19
N THR A 149 -1.95 -5.30 16.02
CA THR A 149 -1.06 -5.83 14.94
C THR A 149 -1.71 -5.52 13.59
N VAL A 150 -1.06 -4.70 12.78
CA VAL A 150 -1.61 -4.31 11.45
C VAL A 150 -1.09 -5.28 10.40
N VAL A 151 -2.01 -5.90 9.66
CA VAL A 151 -1.72 -6.74 8.46
C VAL A 151 -2.10 -5.89 7.26
N PRO A 152 -1.13 -5.35 6.49
CA PRO A 152 -1.44 -4.47 5.38
C PRO A 152 -1.86 -5.28 4.14
N GLY A 153 -3.17 -5.47 3.98
CA GLY A 153 -3.73 -6.25 2.87
C GLY A 153 -3.69 -5.45 1.57
N ASP A 154 -3.74 -4.12 1.68
CA ASP A 154 -3.83 -3.21 0.52
C ASP A 154 -5.10 -3.69 -0.22
N ALA A 155 -5.46 -3.06 -1.32
CA ALA A 155 -6.62 -3.45 -2.16
C ALA A 155 -6.29 -2.89 -3.55
N ARG A 156 -6.71 -3.60 -4.59
CA ARG A 156 -6.47 -3.23 -6.00
C ARG A 156 -5.00 -3.50 -6.34
N SER A 157 -4.33 -4.28 -5.50
CA SER A 157 -2.91 -4.67 -5.68
C SER A 157 -2.86 -6.08 -6.23
N LEU A 158 -2.04 -6.32 -7.27
CA LEU A 158 -1.78 -7.67 -7.81
C LEU A 158 -1.09 -8.54 -6.75
N ALA A 159 -0.43 -7.95 -5.75
CA ALA A 159 0.26 -8.72 -4.67
C ALA A 159 -0.74 -9.42 -3.74
N THR A 160 -1.95 -8.90 -3.59
CA THR A 160 -2.88 -9.37 -2.54
C THR A 160 -4.25 -9.69 -3.13
N PRO A 161 -4.39 -10.77 -3.90
CA PRO A 161 -5.71 -11.22 -4.35
C PRO A 161 -6.51 -11.80 -3.18
N LEU A 162 -7.82 -11.92 -3.38
CA LEU A 162 -8.81 -12.37 -2.40
C LEU A 162 -8.39 -13.71 -1.80
N SER A 163 -7.93 -14.66 -2.59
CA SER A 163 -7.52 -16.01 -2.08
C SER A 163 -6.49 -15.83 -0.97
N ARG A 164 -5.55 -14.92 -1.16
CA ARG A 164 -4.47 -14.72 -0.16
C ARG A 164 -5.06 -14.05 1.08
N MET A 165 -6.01 -13.12 0.90
CA MET A 165 -6.60 -12.39 2.05
C MET A 165 -7.41 -13.37 2.91
N VAL A 166 -8.11 -14.30 2.29
CA VAL A 166 -8.91 -15.33 3.01
C VAL A 166 -7.97 -16.21 3.82
N ARG A 167 -6.86 -16.66 3.23
CA ARG A 167 -5.87 -17.49 3.94
C ARG A 167 -5.36 -16.71 5.17
N VAL A 168 -5.07 -15.41 5.01
CA VAL A 168 -4.56 -14.53 6.11
C VAL A 168 -5.64 -14.38 7.21
N LEU A 169 -6.89 -14.09 6.83
CA LEU A 169 -8.04 -13.98 7.77
C LEU A 169 -8.06 -15.19 8.70
N LYS A 170 -7.92 -16.36 8.11
CA LYS A 170 -8.06 -17.66 8.82
C LYS A 170 -6.78 -17.96 9.62
N THR A 171 -5.63 -18.00 8.96
CA THR A 171 -4.37 -18.54 9.56
C THR A 171 -3.81 -17.57 10.62
N LEU A 172 -4.01 -16.25 10.51
CA LEU A 172 -3.50 -15.25 11.50
C LEU A 172 -4.54 -14.94 12.58
N ASP A 173 -5.73 -15.55 12.55
CA ASP A 173 -6.77 -15.33 13.59
C ASP A 173 -7.12 -13.84 13.61
N VAL A 174 -7.31 -13.24 12.43
CA VAL A 174 -7.66 -11.80 12.32
C VAL A 174 -8.91 -11.53 13.15
N THR A 175 -8.92 -10.42 13.89
CA THR A 175 -10.00 -10.01 14.82
C THR A 175 -10.79 -8.86 14.20
N LEU A 176 -10.13 -8.00 13.41
CA LEU A 176 -10.79 -6.81 12.79
C LEU A 176 -10.40 -6.73 11.32
N THR A 177 -11.35 -6.28 10.48
CA THR A 177 -11.10 -5.97 9.05
C THR A 177 -11.49 -4.52 8.82
N TRP A 178 -10.89 -3.93 7.78
CA TRP A 178 -11.26 -2.62 7.21
C TRP A 178 -11.27 -2.78 5.70
N CYS A 179 -12.44 -2.59 5.10
CA CYS A 179 -12.68 -2.73 3.65
C CYS A 179 -14.09 -2.23 3.37
N ASN A 180 -14.36 -1.91 2.09
CA ASN A 180 -15.66 -1.37 1.69
C ASN A 180 -16.69 -2.51 1.76
N PRO A 181 -18.01 -2.22 1.79
CA PRO A 181 -19.03 -3.25 1.95
C PRO A 181 -19.09 -4.29 0.83
N THR A 182 -18.77 -3.91 -0.41
CA THR A 182 -18.67 -4.87 -1.54
C THR A 182 -17.52 -5.83 -1.24
N GLU A 183 -16.40 -5.32 -0.71
CA GLU A 183 -15.24 -6.20 -0.41
C GLU A 183 -15.62 -7.19 0.70
N ILE A 184 -16.50 -6.81 1.64
CA ILE A 184 -16.99 -7.77 2.67
C ILE A 184 -17.66 -8.98 1.98
N THR A 185 -18.47 -8.76 0.94
CA THR A 185 -19.15 -9.86 0.19
C THR A 185 -18.13 -10.60 -0.68
N MET A 186 -17.21 -9.88 -1.31
CA MET A 186 -16.14 -10.50 -2.13
C MET A 186 -15.34 -11.46 -1.23
N LEU A 187 -14.96 -11.05 -0.01
CA LEU A 187 -14.22 -11.94 0.94
C LEU A 187 -15.09 -13.14 1.34
N ALA A 188 -16.39 -12.96 1.57
CA ALA A 188 -17.29 -14.09 1.90
C ALA A 188 -17.31 -15.10 0.75
N ALA A 189 -17.38 -14.63 -0.49
CA ALA A 189 -17.47 -15.51 -1.67
C ALA A 189 -16.11 -16.20 -1.84
N ALA A 190 -15.02 -15.47 -1.61
CA ALA A 190 -13.65 -16.04 -1.72
C ALA A 190 -13.44 -17.05 -0.59
N ALA A 191 -14.00 -16.82 0.62
CA ALA A 191 -13.90 -17.76 1.75
C ALA A 191 -14.51 -19.11 1.34
N LYS A 192 -15.74 -19.10 0.82
CA LYS A 192 -16.43 -20.34 0.41
C LYS A 192 -15.57 -21.06 -0.64
N ALA A 193 -15.07 -20.33 -1.64
CA ALA A 193 -14.23 -20.88 -2.73
C ALA A 193 -12.94 -21.50 -2.15
N ALA A 194 -12.47 -21.06 -0.98
CA ALA A 194 -11.28 -21.64 -0.29
C ALA A 194 -11.71 -22.73 0.70
N GLY A 195 -12.99 -23.07 0.78
CA GLY A 195 -13.51 -24.17 1.63
C GLY A 195 -13.76 -23.71 3.06
N LEU A 196 -14.02 -22.43 3.28
CA LEU A 196 -14.23 -21.85 4.64
C LEU A 196 -15.61 -21.22 4.69
N ARG A 197 -16.40 -21.52 5.72
CA ARG A 197 -17.73 -20.89 5.94
C ARG A 197 -17.58 -19.57 6.68
N PRO A 198 -17.92 -18.43 6.04
CA PRO A 198 -17.82 -17.12 6.69
C PRO A 198 -18.60 -17.04 8.02
N ASP A 199 -19.70 -17.78 8.14
CA ASP A 199 -20.59 -17.67 9.32
C ASP A 199 -20.08 -18.52 10.50
N GLN A 200 -19.04 -19.34 10.33
CA GLN A 200 -18.58 -20.27 11.42
C GLN A 200 -17.06 -20.43 11.50
N ASP A 201 -16.31 -20.33 10.39
CA ASP A 201 -14.91 -20.84 10.32
C ASP A 201 -13.91 -19.72 10.67
N PHE A 202 -14.37 -18.54 11.07
CA PHE A 202 -13.49 -17.42 11.49
C PHE A 202 -13.85 -17.00 12.91
N PRO A 203 -13.67 -17.88 13.92
CA PRO A 203 -14.17 -17.63 15.27
C PRO A 203 -13.53 -16.42 15.97
N HIS A 204 -12.30 -16.02 15.58
CA HIS A 204 -11.60 -14.85 16.19
C HIS A 204 -12.06 -13.52 15.56
N LEU A 205 -12.71 -13.54 14.40
CA LEU A 205 -13.15 -12.28 13.74
C LEU A 205 -14.28 -11.69 14.56
N ARG A 206 -14.09 -10.50 15.14
CA ARG A 206 -15.03 -9.96 16.15
C ARG A 206 -15.71 -8.71 15.60
N ALA A 207 -15.16 -8.03 14.60
CA ALA A 207 -15.84 -6.87 14.00
C ALA A 207 -15.27 -6.56 12.62
N MET A 208 -16.10 -5.94 11.79
CA MET A 208 -15.73 -5.54 10.41
C MET A 208 -16.05 -4.06 10.27
N PHE A 209 -15.01 -3.25 10.08
CA PHE A 209 -15.13 -1.79 9.85
C PHE A 209 -15.29 -1.58 8.35
N THR A 210 -16.18 -0.67 7.98
CA THR A 210 -16.51 -0.43 6.56
C THR A 210 -16.87 1.03 6.35
N ALA A 211 -16.74 1.49 5.12
CA ALA A 211 -17.02 2.85 4.63
C ALA A 211 -16.92 2.86 3.11
N ALA A 212 -17.03 4.05 2.51
CA ALA A 212 -16.67 4.35 1.10
C ALA A 212 -17.88 4.21 0.17
N GLU A 213 -18.95 3.51 0.58
CA GLU A 213 -20.17 3.29 -0.23
C GLU A 213 -21.41 3.61 0.60
N PRO A 214 -22.47 4.17 -0.04
CA PRO A 214 -23.78 4.28 0.61
C PRO A 214 -24.25 2.88 1.03
N LEU A 215 -24.63 2.72 2.30
CA LEU A 215 -24.89 1.38 2.89
C LEU A 215 -26.19 1.42 3.69
N THR A 216 -27.24 0.75 3.23
CA THR A 216 -28.53 0.63 3.97
C THR A 216 -28.34 -0.28 5.17
N GLU A 217 -29.16 -0.07 6.20
CA GLU A 217 -29.25 -0.93 7.41
C GLU A 217 -29.59 -2.36 6.96
N VAL A 218 -30.44 -2.51 5.95
CA VAL A 218 -30.84 -3.87 5.46
C VAL A 218 -29.58 -4.59 4.92
N ARG A 219 -28.78 -3.93 4.09
CA ARG A 219 -27.54 -4.57 3.57
C ARG A 219 -26.55 -4.78 4.72
N ARG A 220 -26.37 -3.77 5.58
CA ARG A 220 -25.39 -3.84 6.70
C ARG A 220 -25.71 -5.07 7.56
N ARG A 221 -26.98 -5.27 7.90
CA ARG A 221 -27.43 -6.42 8.72
C ARG A 221 -27.15 -7.73 7.97
N ARG A 222 -27.41 -7.81 6.67
CA ARG A 222 -27.09 -9.05 5.89
C ARG A 222 -25.58 -9.34 5.91
N LEU A 223 -24.72 -8.32 5.76
CA LEU A 223 -23.23 -8.51 5.81
C LEU A 223 -22.84 -9.08 7.18
N SER A 224 -23.45 -8.57 8.25
CA SER A 224 -23.25 -9.13 9.61
C SER A 224 -23.65 -10.61 9.63
N GLU A 225 -24.87 -10.94 9.22
CA GLU A 225 -25.39 -12.33 9.16
C GLU A 225 -24.44 -13.22 8.34
N ILE A 226 -23.97 -12.76 7.17
CA ILE A 226 -23.09 -13.59 6.31
C ILE A 226 -21.86 -14.02 7.13
N TRP A 227 -21.31 -13.12 7.94
CA TRP A 227 -20.08 -13.36 8.73
C TRP A 227 -20.42 -13.78 10.18
N GLY A 228 -21.57 -14.40 10.42
CA GLY A 228 -21.84 -15.08 11.71
C GLY A 228 -22.53 -14.18 12.74
N GLY A 229 -23.08 -13.03 12.32
CA GLY A 229 -23.79 -12.07 13.20
C GLY A 229 -22.85 -11.12 13.92
N ILE A 230 -21.59 -11.00 13.50
CA ILE A 230 -20.63 -10.05 14.13
C ILE A 230 -20.95 -8.62 13.70
N PRO A 231 -20.57 -7.62 14.51
CA PRO A 231 -20.83 -6.23 14.19
C PRO A 231 -20.11 -5.80 12.91
N VAL A 232 -20.85 -5.12 12.05
CA VAL A 232 -20.31 -4.36 10.89
C VAL A 232 -20.41 -2.88 11.27
N VAL A 233 -19.26 -2.24 11.44
CA VAL A 233 -19.14 -0.88 12.06
C VAL A 233 -18.79 0.09 10.94
N GLU A 234 -19.76 0.92 10.57
CA GLU A 234 -19.66 1.88 9.47
C GLU A 234 -19.05 3.18 9.98
N GLU A 235 -18.26 3.82 9.13
CA GLU A 235 -17.87 5.24 9.29
C GLU A 235 -18.04 5.93 7.93
N TYR A 236 -18.03 7.26 7.96
CA TYR A 236 -18.17 8.18 6.81
C TYR A 236 -16.99 9.14 6.83
N GLY A 237 -16.31 9.27 5.69
CA GLY A 237 -15.09 10.09 5.56
C GLY A 237 -14.76 10.39 4.11
N SER A 238 -13.62 11.03 3.88
CA SER A 238 -13.10 11.42 2.54
C SER A 238 -11.61 11.72 2.68
N THR A 239 -10.86 11.67 1.56
CA THR A 239 -9.39 11.88 1.55
C THR A 239 -9.06 13.27 2.10
N GLU A 240 -9.94 14.22 1.79
CA GLU A 240 -9.75 15.65 2.09
C GLU A 240 -10.10 15.92 3.56
N THR A 241 -10.92 15.09 4.20
CA THR A 241 -11.48 15.37 5.57
C THR A 241 -11.01 14.36 6.61
N GLY A 242 -10.69 13.14 6.19
CA GLY A 242 -10.67 11.96 7.08
C GLY A 242 -12.08 11.58 7.51
N THR A 243 -12.17 10.80 8.59
CA THR A 243 -13.40 10.28 9.22
C THR A 243 -14.20 11.43 9.84
N ILE A 244 -15.44 11.61 9.42
CA ILE A 244 -16.28 12.73 9.92
C ILE A 244 -17.44 12.18 10.75
N ALA A 245 -17.74 10.88 10.66
CA ALA A 245 -18.79 10.25 11.49
C ALA A 245 -18.48 8.77 11.69
N GLY A 246 -18.95 8.21 12.80
CA GLY A 246 -18.79 6.79 13.13
C GLY A 246 -20.06 6.25 13.74
N GLN A 247 -20.26 4.95 13.60
CA GLN A 247 -21.45 4.22 14.09
C GLN A 247 -21.43 4.17 15.63
N CYS A 248 -22.59 4.25 16.25
CA CYS A 248 -22.78 3.93 17.69
C CYS A 248 -23.29 2.49 17.80
N PRO A 249 -23.27 1.84 18.99
CA PRO A 249 -23.72 0.45 19.11
C PRO A 249 -25.16 0.19 18.64
N GLU A 250 -25.98 1.23 18.50
CA GLU A 250 -27.40 1.11 18.04
C GLU A 250 -27.46 1.07 16.51
N GLY A 251 -26.43 1.57 15.82
CA GLY A 251 -26.28 1.38 14.37
C GLY A 251 -26.51 2.64 13.56
N ARG A 252 -26.60 3.82 14.20
CA ARG A 252 -26.57 5.12 13.46
C ARG A 252 -25.18 5.74 13.55
N MET A 253 -24.79 6.49 12.52
CA MET A 253 -23.50 7.23 12.46
C MET A 253 -23.71 8.60 13.10
N HIS A 254 -22.79 8.97 14.02
CA HIS A 254 -22.73 10.27 14.71
C HIS A 254 -21.58 11.10 14.15
N LEU A 255 -21.82 12.38 13.89
CA LEU A 255 -20.81 13.34 13.41
C LEU A 255 -19.79 13.61 14.51
N TRP A 256 -18.50 13.56 14.19
CA TRP A 256 -17.43 13.88 15.17
C TRP A 256 -17.28 15.41 15.27
N ALA A 257 -18.32 16.07 15.79
CA ALA A 257 -18.50 17.54 15.76
C ALA A 257 -17.50 18.25 16.71
N ASP A 258 -16.89 17.54 17.64
CA ASP A 258 -15.83 18.11 18.50
C ASP A 258 -14.59 18.42 17.63
N ARG A 259 -14.45 17.80 16.46
CA ARG A 259 -13.24 17.93 15.61
C ARG A 259 -13.55 18.70 14.32
N ALA A 260 -14.81 19.04 14.07
CA ALA A 260 -15.21 19.76 12.83
C ALA A 260 -16.59 20.37 13.02
N ILE A 261 -16.84 21.51 12.36
CA ILE A 261 -18.18 22.12 12.26
C ILE A 261 -18.88 21.54 11.04
N PHE A 262 -20.01 20.88 11.28
CA PHE A 262 -20.85 20.21 10.27
C PHE A 262 -22.07 21.06 10.00
N GLU A 263 -22.36 21.30 8.71
CA GLU A 263 -23.52 22.08 8.24
C GLU A 263 -24.09 21.43 6.98
N VAL A 264 -25.37 21.68 6.74
CA VAL A 264 -26.17 21.10 5.62
C VAL A 264 -26.47 22.24 4.66
N TYR A 265 -26.07 22.08 3.40
CA TYR A 265 -26.13 23.10 2.33
C TYR A 265 -27.29 22.73 1.41
N ASP A 266 -28.28 23.63 1.26
CA ASP A 266 -29.29 23.59 0.16
C ASP A 266 -28.63 24.22 -1.07
N PRO A 267 -28.41 23.46 -2.16
CA PRO A 267 -27.69 23.99 -3.32
C PRO A 267 -28.51 25.09 -4.03
N ARG A 268 -29.84 24.99 -3.99
CA ARG A 268 -30.79 25.88 -4.72
C ARG A 268 -30.79 27.28 -4.07
N THR A 269 -31.09 27.35 -2.76
CA THR A 269 -31.16 28.62 -1.99
C THR A 269 -29.75 29.06 -1.57
N GLY A 270 -28.77 28.14 -1.59
CA GLY A 270 -27.39 28.40 -1.13
C GLY A 270 -27.32 28.71 0.36
N THR A 271 -28.24 28.14 1.16
CA THR A 271 -28.36 28.40 2.63
C THR A 271 -27.79 27.20 3.41
N LEU A 272 -27.12 27.50 4.53
CA LEU A 272 -26.47 26.53 5.44
C LEU A 272 -27.25 26.46 6.75
N SER A 273 -27.62 25.26 7.18
CA SER A 273 -28.25 25.01 8.50
C SER A 273 -27.50 23.89 9.22
N GLU A 274 -27.77 23.72 10.52
CA GLU A 274 -27.02 22.80 11.40
C GLU A 274 -27.64 21.40 11.34
N ALA A 275 -28.84 21.27 10.78
CA ALA A 275 -29.51 19.96 10.60
C ALA A 275 -30.38 19.97 9.33
N GLY A 276 -30.95 18.82 9.00
CA GLY A 276 -31.90 18.64 7.89
C GLY A 276 -31.28 17.90 6.72
N ARG A 277 -31.96 17.98 5.55
CA ARG A 277 -31.57 17.28 4.30
C ARG A 277 -30.79 18.26 3.41
N GLY A 278 -29.69 17.80 2.81
CA GLY A 278 -28.86 18.63 1.89
C GLY A 278 -27.46 18.08 1.75
N GLN A 279 -26.53 18.94 1.30
CA GLN A 279 -25.14 18.57 0.96
C GLN A 279 -24.21 18.82 2.15
N MET A 280 -23.38 17.82 2.49
CA MET A 280 -22.51 17.79 3.70
C MET A 280 -21.42 18.84 3.54
N VAL A 281 -21.37 19.80 4.46
CA VAL A 281 -20.33 20.86 4.53
C VAL A 281 -19.55 20.64 5.84
N VAL A 282 -18.23 20.77 5.76
CA VAL A 282 -17.28 20.40 6.84
C VAL A 282 -16.26 21.53 7.00
N THR A 283 -16.07 22.01 8.23
CA THR A 283 -14.91 22.86 8.61
C THR A 283 -14.09 22.11 9.65
N PRO A 284 -13.02 21.40 9.25
CA PRO A 284 -12.15 20.73 10.22
C PRO A 284 -11.52 21.74 11.19
N LEU A 285 -11.41 21.40 12.48
CA LEU A 285 -10.88 22.33 13.50
C LEU A 285 -9.40 22.07 13.83
N TYR A 286 -8.87 20.87 13.59
CA TYR A 286 -7.49 20.48 13.98
C TYR A 286 -6.70 20.04 12.74
N ARG A 287 -6.45 21.01 11.87
CA ARG A 287 -5.58 20.94 10.67
C ARG A 287 -4.67 22.17 10.65
N ASP A 288 -3.48 21.98 10.08
CA ASP A 288 -2.48 23.06 9.87
C ASP A 288 -2.16 23.11 8.37
N ALA A 289 -1.89 21.96 7.73
CA ALA A 289 -1.31 21.90 6.36
C ALA A 289 -2.34 22.39 5.33
N MET A 290 -3.56 21.86 5.36
CA MET A 290 -4.58 22.09 4.32
C MET A 290 -5.89 22.57 4.94
N PRO A 291 -5.93 23.82 5.43
CA PRO A 291 -7.15 24.38 6.00
C PRO A 291 -8.30 24.36 4.98
N LEU A 292 -9.49 23.96 5.44
CA LEU A 292 -10.76 23.96 4.68
C LEU A 292 -11.84 24.74 5.46
N LEU A 293 -12.38 25.79 4.84
CA LEU A 293 -13.53 26.56 5.38
C LEU A 293 -14.79 26.11 4.63
N ARG A 294 -15.71 25.47 5.36
CA ARG A 294 -17.04 25.04 4.88
C ARG A 294 -16.89 24.36 3.51
N TYR A 295 -16.09 23.31 3.49
CA TYR A 295 -15.84 22.44 2.31
C TYR A 295 -17.08 21.58 2.08
N ASN A 296 -17.66 21.71 0.89
CA ASN A 296 -18.87 20.98 0.45
C ASN A 296 -18.41 19.67 -0.19
N LEU A 297 -18.48 18.57 0.55
CA LEU A 297 -18.23 17.19 0.03
C LEU A 297 -19.19 16.91 -1.12
N ALA A 298 -20.33 17.62 -1.15
CA ALA A 298 -21.40 17.47 -2.16
C ALA A 298 -22.09 16.12 -2.00
N ASP A 299 -21.85 15.42 -0.90
CA ASP A 299 -22.63 14.19 -0.58
C ASP A 299 -24.02 14.64 -0.09
N ASP A 300 -25.04 13.95 -0.56
CA ASP A 300 -26.45 14.16 -0.14
C ASP A 300 -26.64 13.46 1.21
N VAL A 301 -26.95 14.21 2.27
CA VAL A 301 -27.06 13.64 3.65
C VAL A 301 -28.33 14.15 4.33
N GLU A 302 -28.85 13.40 5.31
CA GLU A 302 -29.79 13.94 6.33
C GLU A 302 -29.09 13.91 7.69
N VAL A 303 -28.96 15.08 8.32
CA VAL A 303 -28.40 15.29 9.69
C VAL A 303 -29.59 15.48 10.64
N SER A 304 -29.59 14.83 11.81
CA SER A 304 -30.68 14.86 12.81
C SER A 304 -30.45 15.90 13.91
N THR A 305 -29.63 15.58 14.91
CA THR A 305 -29.48 16.23 16.24
C THR A 305 -30.49 15.60 17.23
N ASP A 306 -31.28 14.62 16.80
CA ASP A 306 -32.25 13.89 17.66
C ASP A 306 -31.48 13.18 18.77
N PRO A 307 -32.00 13.13 20.01
CA PRO A 307 -31.35 12.39 21.08
C PRO A 307 -31.42 10.90 20.74
N CYS A 308 -30.26 10.24 20.59
CA CYS A 308 -30.13 8.82 20.18
C CYS A 308 -29.83 7.96 21.43
N GLY A 309 -30.16 6.67 21.36
CA GLY A 309 -30.13 5.73 22.50
C GLY A 309 -28.73 5.51 23.06
N CYS A 310 -27.68 5.84 22.30
CA CYS A 310 -26.25 5.65 22.70
C CYS A 310 -25.81 6.74 23.69
N GLY A 311 -26.20 8.00 23.45
CA GLY A 311 -26.05 9.13 24.39
C GLY A 311 -24.68 9.80 24.32
N TRP A 312 -23.97 9.76 23.19
CA TRP A 312 -22.71 10.51 22.97
C TRP A 312 -22.95 12.03 22.98
N LEU A 313 -24.19 12.48 22.74
CA LEU A 313 -24.57 13.92 22.58
C LEU A 313 -23.90 14.46 21.31
N LEU A 314 -24.16 13.79 20.19
CA LEU A 314 -23.70 14.23 18.85
C LEU A 314 -24.83 14.00 17.86
N PRO A 315 -24.99 14.91 16.86
CA PRO A 315 -25.95 14.68 15.77
C PRO A 315 -25.64 13.39 14.99
N THR A 316 -26.68 12.75 14.48
CA THR A 316 -26.58 11.56 13.60
C THR A 316 -26.60 12.05 12.14
N VAL A 317 -26.10 11.20 11.24
CA VAL A 317 -26.06 11.50 9.79
C VAL A 317 -26.35 10.21 9.01
N THR A 318 -27.21 10.32 8.00
CA THR A 318 -27.43 9.29 6.95
C THR A 318 -26.87 9.79 5.62
N VAL A 319 -26.07 8.97 4.95
CA VAL A 319 -25.39 9.31 3.67
C VAL A 319 -26.12 8.60 2.53
N LEU A 320 -26.99 9.32 1.82
CA LEU A 320 -27.64 8.90 0.56
C LEU A 320 -26.57 8.85 -0.53
N GLY A 321 -25.80 9.92 -0.68
CA GLY A 321 -24.79 10.08 -1.74
C GLY A 321 -25.42 9.95 -3.12
N ARG A 322 -24.74 9.31 -4.07
CA ARG A 322 -25.21 9.05 -5.46
C ARG A 322 -26.41 8.09 -5.41
N ALA A 323 -26.42 7.18 -4.43
CA ALA A 323 -27.47 6.15 -4.19
C ALA A 323 -28.82 6.78 -3.85
N GLY A 324 -28.86 8.11 -3.63
CA GLY A 324 -30.08 8.91 -3.44
C GLY A 324 -30.57 9.55 -4.74
N THR A 325 -29.83 9.45 -5.85
CA THR A 325 -30.20 10.05 -7.17
C THR A 325 -31.39 9.27 -7.77
N GLY A 326 -32.59 9.86 -7.74
CA GLY A 326 -33.82 9.27 -8.32
C GLY A 326 -33.71 9.13 -9.82
N HIS A 327 -33.87 7.92 -10.35
CA HIS A 327 -34.05 7.65 -11.80
C HIS A 327 -35.53 7.38 -12.04
N ARG A 328 -36.19 8.19 -12.87
CA ARG A 328 -37.63 7.97 -13.23
C ARG A 328 -37.69 6.75 -14.16
N ILE A 329 -38.52 5.76 -13.81
CA ILE A 329 -38.77 4.54 -14.63
C ILE A 329 -40.29 4.35 -14.70
N GLY A 330 -40.89 4.74 -15.83
CA GLY A 330 -42.35 4.83 -15.96
C GLY A 330 -42.92 5.79 -14.92
N PRO A 331 -43.88 5.35 -14.08
CA PRO A 331 -44.52 6.26 -13.11
C PRO A 331 -43.67 6.52 -11.86
N ALA A 332 -42.65 5.70 -11.62
CA ALA A 332 -41.93 5.59 -10.32
C ALA A 332 -40.56 6.26 -10.43
N THR A 333 -40.05 6.70 -9.28
CA THR A 333 -38.63 7.11 -9.04
C THR A 333 -37.96 6.00 -8.21
N VAL A 334 -36.91 5.38 -8.75
CA VAL A 334 -36.11 4.34 -8.03
C VAL A 334 -34.74 4.93 -7.70
N THR A 335 -34.28 4.69 -6.47
CA THR A 335 -32.93 5.02 -5.97
C THR A 335 -32.17 3.70 -5.80
N GLN A 336 -30.85 3.73 -5.91
CA GLN A 336 -30.02 2.55 -5.56
C GLN A 336 -30.33 2.10 -4.12
N GLN A 337 -30.42 3.05 -3.19
CA GLN A 337 -30.64 2.79 -1.75
C GLN A 337 -31.91 1.95 -1.59
N ARG A 338 -32.99 2.29 -2.30
CA ARG A 338 -34.27 1.57 -2.16
C ARG A 338 -34.18 0.19 -2.83
N LEU A 339 -33.57 0.07 -4.02
CA LEU A 339 -33.38 -1.25 -4.68
C LEU A 339 -32.57 -2.17 -3.76
N GLU A 340 -31.52 -1.62 -3.15
CA GLU A 340 -30.59 -2.40 -2.30
C GLU A 340 -31.39 -3.03 -1.15
N GLU A 341 -32.32 -2.27 -0.55
CA GLU A 341 -33.16 -2.75 0.56
C GLU A 341 -33.99 -3.96 0.11
N LEU A 342 -34.47 -3.95 -1.12
CA LEU A 342 -35.29 -5.05 -1.70
C LEU A 342 -34.39 -6.25 -2.01
N VAL A 343 -33.24 -6.03 -2.66
CA VAL A 343 -32.31 -7.15 -2.99
C VAL A 343 -31.92 -7.88 -1.69
N PHE A 344 -31.52 -7.14 -0.66
CA PHE A 344 -30.95 -7.70 0.59
C PHE A 344 -32.07 -8.06 1.57
N SER A 345 -33.34 -7.94 1.20
CA SER A 345 -34.50 -8.48 1.95
C SER A 345 -34.82 -9.91 1.50
N LEU A 346 -34.32 -10.36 0.36
CA LEU A 346 -34.36 -11.81 -0.02
C LEU A 346 -33.75 -12.65 1.11
N PRO A 347 -34.33 -13.83 1.42
CA PRO A 347 -33.77 -14.71 2.43
C PRO A 347 -32.26 -14.96 2.22
N ALA A 348 -31.48 -14.90 3.30
CA ALA A 348 -30.02 -15.15 3.33
C ALA A 348 -29.65 -16.49 2.66
N ALA A 349 -30.50 -17.51 2.74
CA ALA A 349 -30.20 -18.87 2.23
C ALA A 349 -30.17 -18.84 0.69
N TYR A 350 -30.76 -17.83 0.04
CA TYR A 350 -30.67 -17.64 -1.43
C TYR A 350 -29.27 -17.18 -1.86
N GLU A 351 -28.47 -16.63 -0.95
CA GLU A 351 -27.06 -16.20 -1.15
C GLU A 351 -26.96 -15.14 -2.27
N VAL A 352 -27.94 -14.24 -2.36
CA VAL A 352 -27.91 -13.11 -3.34
C VAL A 352 -27.12 -11.96 -2.70
N MET A 353 -25.92 -11.71 -3.22
CA MET A 353 -24.96 -10.69 -2.76
C MET A 353 -24.57 -9.78 -3.92
N PHE A 354 -24.46 -10.34 -5.12
CA PHE A 354 -23.91 -9.60 -6.29
C PHE A 354 -25.05 -9.36 -7.29
N TRP A 355 -25.24 -8.10 -7.64
CA TRP A 355 -26.35 -7.66 -8.50
C TRP A 355 -25.95 -6.36 -9.18
N ARG A 356 -26.74 -5.98 -10.15
CA ARG A 356 -26.60 -4.69 -10.84
C ARG A 356 -27.92 -4.42 -11.55
N ALA A 357 -28.24 -3.14 -11.75
CA ALA A 357 -29.49 -2.66 -12.35
C ALA A 357 -29.17 -1.50 -13.28
N LYS A 358 -29.91 -1.38 -14.37
CA LYS A 358 -29.87 -0.23 -15.30
C LYS A 358 -31.28 0.38 -15.37
N ALA A 359 -31.37 1.69 -15.12
CA ALA A 359 -32.62 2.47 -15.30
C ALA A 359 -32.78 2.84 -16.78
N HIS A 360 -33.75 2.21 -17.45
CA HIS A 360 -34.26 2.66 -18.77
C HIS A 360 -35.47 3.56 -18.51
N PRO A 361 -35.82 4.48 -19.44
CA PRO A 361 -36.98 5.34 -19.25
C PRO A 361 -38.27 4.53 -18.98
N ASP A 362 -38.35 3.30 -19.51
CA ASP A 362 -39.57 2.44 -19.48
C ASP A 362 -39.45 1.28 -18.50
N VAL A 363 -38.26 0.82 -18.11
CA VAL A 363 -38.09 -0.49 -17.39
C VAL A 363 -36.79 -0.54 -16.60
N LEU A 364 -36.82 -1.19 -15.44
CA LEU A 364 -35.64 -1.47 -14.60
C LEU A 364 -35.10 -2.84 -15.02
N GLU A 365 -33.92 -2.86 -15.62
CA GLU A 365 -33.19 -4.11 -15.95
C GLU A 365 -32.32 -4.46 -14.72
N LEU A 366 -32.48 -5.66 -14.16
CA LEU A 366 -31.76 -6.07 -12.93
C LEU A 366 -31.32 -7.52 -13.11
N GLU A 367 -30.03 -7.77 -12.83
CA GLU A 367 -29.38 -9.10 -12.86
C GLU A 367 -28.76 -9.35 -11.49
N PHE A 368 -28.78 -10.60 -11.04
CA PHE A 368 -28.09 -11.00 -9.80
C PHE A 368 -27.68 -12.46 -9.88
N GLU A 369 -26.67 -12.82 -9.11
CA GLU A 369 -26.19 -14.22 -9.00
C GLU A 369 -26.94 -14.93 -7.90
N ALA A 370 -27.40 -16.14 -8.16
CA ALA A 370 -27.99 -17.06 -7.16
C ALA A 370 -27.74 -18.49 -7.60
N PRO A 371 -27.40 -19.40 -6.65
CA PRO A 371 -27.29 -20.83 -6.93
C PRO A 371 -28.56 -21.33 -7.62
N GLU A 372 -28.40 -22.40 -8.42
CA GLU A 372 -29.41 -22.89 -9.38
C GLU A 372 -30.72 -23.27 -8.68
N PRO A 373 -30.71 -24.06 -7.56
CA PRO A 373 -31.96 -24.56 -7.01
C PRO A 373 -32.92 -23.43 -6.61
N VAL A 374 -32.38 -22.27 -6.21
CA VAL A 374 -33.14 -21.18 -5.53
C VAL A 374 -33.46 -20.05 -6.51
N ARG A 375 -32.83 -20.02 -7.67
CA ARG A 375 -32.80 -18.85 -8.61
C ARG A 375 -34.22 -18.38 -8.93
N GLN A 376 -35.11 -19.27 -9.35
CA GLN A 376 -36.47 -18.89 -9.85
C GLN A 376 -37.33 -18.39 -8.67
N ARG A 377 -37.18 -18.95 -7.47
CA ARG A 377 -37.78 -18.38 -6.23
C ARG A 377 -37.31 -16.93 -6.08
N ALA A 378 -36.00 -16.68 -6.19
CA ALA A 378 -35.35 -15.36 -5.97
C ALA A 378 -35.89 -14.36 -6.99
N VAL A 379 -35.90 -14.73 -8.28
CA VAL A 379 -36.41 -13.88 -9.40
C VAL A 379 -37.86 -13.49 -9.10
N LYS A 380 -38.67 -14.45 -8.69
CA LYS A 380 -40.12 -14.26 -8.43
C LYS A 380 -40.31 -13.36 -7.20
N GLU A 381 -39.59 -13.63 -6.10
CA GLU A 381 -39.75 -12.87 -4.83
C GLU A 381 -39.28 -11.43 -5.05
N LEU A 382 -38.17 -11.21 -5.74
CA LEU A 382 -37.65 -9.83 -5.97
C LEU A 382 -38.63 -9.08 -6.88
N GLY A 383 -39.19 -9.75 -7.90
CA GLY A 383 -40.26 -9.19 -8.76
C GLY A 383 -41.47 -8.75 -7.96
N ALA A 384 -41.94 -9.57 -7.01
CA ALA A 384 -43.13 -9.27 -6.18
C ALA A 384 -42.79 -8.11 -5.24
N ALA A 385 -41.57 -8.08 -4.71
CA ALA A 385 -41.09 -7.00 -3.81
C ALA A 385 -41.10 -5.67 -4.57
N LEU A 386 -40.60 -5.64 -5.81
CA LEU A 386 -40.54 -4.42 -6.67
C LEU A 386 -41.97 -3.98 -7.01
N ASP A 387 -42.83 -4.89 -7.43
CA ASP A 387 -44.28 -4.61 -7.70
C ASP A 387 -44.88 -3.96 -6.45
N ARG A 388 -44.71 -4.58 -5.27
CA ARG A 388 -45.39 -4.15 -4.01
C ARG A 388 -44.80 -2.82 -3.51
N GLU A 389 -43.49 -2.59 -3.66
CA GLU A 389 -42.80 -1.43 -3.02
C GLU A 389 -42.60 -0.26 -3.99
N LEU A 390 -42.44 -0.52 -5.29
CA LEU A 390 -42.08 0.54 -6.27
C LEU A 390 -43.10 0.62 -7.40
N GLY A 391 -43.73 -0.49 -7.78
CA GLY A 391 -44.61 -0.58 -8.96
C GLY A 391 -43.91 -0.16 -10.24
N VAL A 392 -42.61 -0.42 -10.37
CA VAL A 392 -41.85 -0.22 -11.64
C VAL A 392 -42.00 -1.47 -12.49
N PRO A 393 -42.02 -1.30 -13.83
CA PRO A 393 -41.80 -2.41 -14.74
C PRO A 393 -40.34 -2.83 -14.62
N HIS A 394 -40.08 -4.13 -14.67
CA HIS A 394 -38.75 -4.72 -14.42
C HIS A 394 -38.55 -5.91 -15.36
N ARG A 395 -37.31 -6.10 -15.81
CA ARG A 395 -36.82 -7.36 -16.41
C ARG A 395 -35.71 -7.86 -15.48
N ILE A 396 -36.02 -8.85 -14.66
CA ILE A 396 -35.09 -9.44 -13.67
C ILE A 396 -34.55 -10.74 -14.25
N THR A 397 -33.22 -10.89 -14.25
CA THR A 397 -32.50 -12.13 -14.68
C THR A 397 -31.61 -12.61 -13.54
N GLY A 398 -31.87 -13.81 -13.02
CA GLY A 398 -30.95 -14.58 -12.17
C GLY A 398 -29.83 -15.18 -13.02
N LEU A 399 -28.58 -15.04 -12.57
CA LEU A 399 -27.35 -15.51 -13.26
C LEU A 399 -26.67 -16.59 -12.41
N ALA A 400 -25.89 -17.46 -13.04
CA ALA A 400 -25.08 -18.47 -12.33
C ALA A 400 -23.99 -17.74 -11.55
N PRO A 401 -23.64 -18.17 -10.32
CA PRO A 401 -22.42 -17.68 -9.68
C PRO A 401 -21.23 -17.82 -10.65
N GLY A 402 -20.34 -16.85 -10.65
CA GLY A 402 -19.17 -16.85 -11.55
C GLY A 402 -19.41 -15.99 -12.75
N THR A 403 -20.61 -15.40 -12.86
CA THR A 403 -21.02 -14.58 -14.04
C THR A 403 -20.68 -13.11 -13.81
N LEU A 404 -21.06 -12.53 -12.67
CA LEU A 404 -20.80 -11.09 -12.37
C LEU A 404 -19.46 -10.97 -11.64
N VAL A 405 -19.16 -11.96 -10.81
CA VAL A 405 -17.90 -12.06 -10.02
C VAL A 405 -17.25 -13.39 -10.44
N PRO A 406 -16.28 -13.35 -11.38
CA PRO A 406 -15.70 -14.58 -11.93
C PRO A 406 -14.97 -15.40 -10.86
N ALA A 407 -15.05 -16.72 -10.97
CA ALA A 407 -14.42 -17.69 -10.05
C ALA A 407 -12.93 -17.35 -9.92
N GLU A 408 -12.28 -16.87 -10.98
CA GLU A 408 -10.80 -16.65 -10.95
C GLU A 408 -10.49 -15.47 -10.01
N ALA A 409 -11.38 -14.47 -9.88
CA ALA A 409 -11.21 -13.35 -8.92
C ALA A 409 -11.22 -13.91 -7.49
N LEU A 410 -11.95 -15.01 -7.25
CA LEU A 410 -12.14 -15.55 -5.88
C LEU A 410 -11.01 -16.52 -5.53
N THR A 411 -10.40 -17.21 -6.51
CA THR A 411 -9.48 -18.33 -6.23
C THR A 411 -8.08 -18.12 -6.79
N ALA A 412 -7.88 -17.24 -7.77
CA ALA A 412 -6.54 -17.08 -8.41
C ALA A 412 -5.53 -16.69 -7.32
N GLN A 413 -4.39 -17.38 -7.30
CA GLN A 413 -3.21 -17.04 -6.48
C GLN A 413 -2.22 -16.42 -7.45
N ARG A 414 -1.42 -15.48 -6.97
CA ARG A 414 -0.42 -14.81 -7.84
C ARG A 414 0.89 -14.68 -7.06
N ASP A 415 1.92 -15.37 -7.52
CA ASP A 415 3.31 -15.23 -7.01
C ASP A 415 3.69 -13.75 -7.14
N ILE A 416 4.43 -13.23 -6.17
CA ILE A 416 4.98 -11.85 -6.18
C ILE A 416 6.39 -11.95 -6.79
N LEU A 417 6.48 -11.81 -8.10
CA LEU A 417 7.73 -11.98 -8.89
C LEU A 417 8.46 -10.64 -8.91
N LYS A 418 9.77 -10.70 -9.12
CA LYS A 418 10.60 -9.53 -9.48
C LYS A 418 11.03 -9.73 -10.93
N ALA A 419 11.49 -8.66 -11.57
CA ALA A 419 12.04 -8.69 -12.95
C ALA A 419 13.12 -9.78 -13.02
N ARG A 420 13.10 -10.54 -14.11
CA ARG A 420 14.12 -11.54 -14.49
C ARG A 420 14.40 -11.33 -15.97
N TYR A 421 15.66 -11.54 -16.38
CA TYR A 421 16.10 -11.20 -17.75
C TYR A 421 16.61 -12.47 -18.45
N LEU A 422 17.30 -13.38 -17.75
CA LEU A 422 17.84 -14.64 -18.35
C LEU A 422 16.98 -15.82 -17.87
N PHE A 423 16.39 -16.56 -18.82
CA PHE A 423 15.48 -17.71 -18.54
C PHE A 423 16.12 -18.98 -19.08
N ALA A 424 15.91 -20.10 -18.38
CA ALA A 424 16.16 -21.46 -18.91
C ALA A 424 15.07 -21.75 -19.95
N GLU A 425 15.33 -22.70 -20.85
CA GLU A 425 14.55 -22.99 -22.07
C GLU A 425 13.07 -23.24 -21.73
N ASP A 426 12.77 -23.86 -20.59
CA ASP A 426 11.41 -24.36 -20.22
C ASP A 426 10.64 -23.32 -19.39
N GLU A 427 11.19 -22.11 -19.17
CA GLU A 427 10.57 -21.08 -18.30
C GLU A 427 9.77 -20.09 -19.14
N ASP A 428 8.84 -19.37 -18.49
CA ASP A 428 7.97 -18.38 -19.15
C ASP A 428 8.69 -17.03 -19.13
N TRP A 429 9.29 -16.63 -20.26
CA TRP A 429 10.04 -15.35 -20.33
C TRP A 429 9.07 -14.20 -20.61
N ASP A 430 7.76 -14.43 -20.57
CA ASP A 430 6.73 -13.34 -20.65
C ASP A 430 6.73 -12.56 -19.32
N LYS A 431 7.32 -13.08 -18.25
CA LYS A 431 7.42 -12.40 -16.95
C LYS A 431 8.74 -11.63 -16.82
N ALA A 432 9.49 -11.39 -17.91
CA ALA A 432 10.84 -10.76 -17.85
C ALA A 432 10.74 -9.35 -17.24
N VAL A 433 10.02 -8.45 -17.94
CA VAL A 433 9.90 -7.00 -17.62
C VAL A 433 8.47 -6.66 -17.14
N MET A 434 7.44 -7.34 -17.67
CA MET A 434 6.01 -7.21 -17.22
C MET A 434 5.73 -8.38 -16.25
N TYR A 435 6.26 -8.27 -15.02
CA TYR A 435 6.38 -9.36 -14.00
C TYR A 435 5.26 -9.25 -12.95
N PHE A 436 4.42 -8.20 -13.03
CA PHE A 436 3.37 -7.92 -12.01
C PHE A 436 2.27 -9.00 -12.10
N MET B 1 24.35 10.90 23.07
CA MET B 1 24.41 10.29 24.44
C MET B 1 23.29 9.24 24.61
N SER B 2 22.06 9.60 24.21
CA SER B 2 20.78 8.94 24.56
C SER B 2 20.11 8.27 23.34
N ARG B 3 20.88 7.64 22.47
CA ARG B 3 20.35 6.61 21.53
C ARG B 3 20.97 5.27 21.97
N SER B 4 20.15 4.21 21.90
CA SER B 4 20.40 2.87 22.50
C SER B 4 21.00 1.91 21.45
N ARG B 5 21.08 2.35 20.19
CA ARG B 5 21.60 1.54 19.05
C ARG B 5 22.78 2.26 18.42
N PRO B 6 23.78 1.52 17.89
CA PRO B 6 25.00 2.15 17.39
C PRO B 6 24.74 2.92 16.09
N GLU B 7 25.58 3.91 15.82
CA GLU B 7 25.58 4.71 14.56
C GLU B 7 26.96 4.62 13.92
N LEU B 8 26.98 4.84 12.60
CA LEU B 8 28.22 4.96 11.80
C LEU B 8 29.16 5.88 12.56
N GLY B 9 30.38 5.40 12.83
CA GLY B 9 31.44 6.20 13.48
C GLY B 9 31.62 5.86 14.96
N ASP B 10 30.80 4.97 15.53
CA ASP B 10 30.91 4.56 16.96
C ASP B 10 32.06 3.57 17.18
N TRP B 11 32.61 3.00 16.10
CA TRP B 11 33.78 2.09 16.16
C TRP B 11 34.89 2.64 15.27
N SER B 12 36.15 2.46 15.66
CA SER B 12 37.34 2.99 14.94
C SER B 12 38.23 1.84 14.43
N SER B 13 37.79 0.59 14.58
CA SER B 13 38.53 -0.62 14.15
C SER B 13 37.60 -1.83 14.04
N PRO B 14 37.99 -2.89 13.30
CA PRO B 14 37.19 -4.11 13.22
C PRO B 14 37.03 -4.81 14.58
N ALA B 15 38.04 -4.68 15.45
CA ALA B 15 38.04 -5.22 16.83
C ALA B 15 36.92 -4.52 17.63
N GLU B 16 36.79 -3.18 17.51
CA GLU B 16 35.72 -2.43 18.22
C GLU B 16 34.35 -2.85 17.67
N LEU B 17 34.21 -2.95 16.35
CA LEU B 17 32.94 -3.41 15.72
C LEU B 17 32.55 -4.77 16.33
N ALA B 18 33.49 -5.72 16.35
CA ALA B 18 33.28 -7.10 16.84
C ALA B 18 32.76 -7.09 18.29
N GLU B 19 33.29 -6.20 19.14
CA GLU B 19 32.84 -6.11 20.56
C GLU B 19 31.46 -5.46 20.63
N LEU B 20 31.14 -4.48 19.79
CA LEU B 20 29.76 -3.90 19.73
C LEU B 20 28.76 -5.03 19.47
N GLN B 21 29.14 -6.01 18.63
CA GLN B 21 28.26 -7.16 18.26
C GLN B 21 28.16 -8.12 19.44
N ARG B 22 29.32 -8.55 19.96
CA ARG B 22 29.42 -9.64 20.95
C ARG B 22 28.66 -9.26 22.23
N SER B 23 28.66 -7.96 22.60
CA SER B 23 28.00 -7.43 23.82
C SER B 23 26.47 -7.63 23.77
N GLN B 24 25.88 -7.79 22.59
CA GLN B 24 24.40 -7.92 22.45
C GLN B 24 23.97 -9.39 22.48
N LEU B 25 24.88 -10.36 22.36
CA LEU B 25 24.55 -11.78 22.09
C LEU B 25 23.85 -12.45 23.28
N PRO B 26 24.18 -12.14 24.55
CA PRO B 26 23.41 -12.71 25.66
C PRO B 26 21.92 -12.32 25.58
N ARG B 27 21.61 -11.04 25.36
CA ARG B 27 20.21 -10.57 25.20
C ARG B 27 19.58 -11.34 24.03
N VAL B 28 20.29 -11.41 22.90
CA VAL B 28 19.78 -11.97 21.61
C VAL B 28 19.47 -13.45 21.83
N LEU B 29 20.39 -14.18 22.46
CA LEU B 29 20.24 -15.66 22.64
C LEU B 29 19.13 -15.96 23.65
N ALA B 30 19.05 -15.17 24.72
CA ALA B 30 17.92 -15.25 25.70
C ALA B 30 16.58 -14.98 24.97
N GLN B 31 16.52 -13.98 24.08
N GLN B 31 16.54 -13.96 24.11
CA GLN B 31 15.24 -13.63 23.40
CA GLN B 31 15.37 -13.53 23.30
C GLN B 31 14.87 -14.75 22.42
C GLN B 31 14.92 -14.71 22.42
N ALA B 32 15.85 -15.27 21.65
CA ALA B 32 15.63 -16.38 20.68
C ALA B 32 14.97 -17.57 21.37
N LEU B 33 15.46 -17.99 22.55
CA LEU B 33 14.93 -19.20 23.24
C LEU B 33 13.45 -19.01 23.63
N ARG B 34 12.95 -17.76 23.65
CA ARG B 34 11.54 -17.46 24.03
C ARG B 34 10.59 -17.89 22.90
N SER B 35 11.10 -18.07 21.68
CA SER B 35 10.29 -18.45 20.49
C SER B 35 10.07 -19.95 20.51
N PRO B 36 8.87 -20.45 20.11
CA PRO B 36 8.62 -21.89 20.03
C PRO B 36 9.64 -22.65 19.17
N PHE B 37 10.14 -22.04 18.08
CA PHE B 37 11.08 -22.71 17.15
C PHE B 37 12.39 -23.03 17.88
N TYR B 38 13.02 -22.05 18.51
CA TYR B 38 14.35 -22.23 19.17
C TYR B 38 14.20 -23.04 20.48
N ALA B 39 13.11 -22.84 21.25
CA ALA B 39 12.84 -23.62 22.48
C ALA B 39 12.71 -25.11 22.12
N ALA B 40 12.05 -25.41 21.00
CA ALA B 40 11.92 -26.79 20.45
C ALA B 40 13.30 -27.31 20.00
N ARG B 41 14.06 -26.52 19.24
CA ARG B 41 15.41 -26.88 18.73
C ARG B 41 16.32 -27.30 19.89
N TYR B 42 16.28 -26.61 21.03
CA TYR B 42 17.22 -26.78 22.17
C TYR B 42 16.53 -27.47 23.35
N ARG B 43 15.35 -28.04 23.14
CA ARG B 43 14.70 -28.97 24.10
C ARG B 43 15.68 -30.11 24.44
N GLY B 44 15.72 -30.54 25.70
CA GLY B 44 16.49 -31.72 26.15
C GLY B 44 17.98 -31.45 26.32
N THR B 45 18.54 -30.44 25.63
CA THR B 45 19.98 -30.08 25.68
C THR B 45 20.18 -28.69 26.31
N THR B 46 21.42 -28.24 26.44
CA THR B 46 21.79 -26.94 27.05
C THR B 46 21.79 -25.86 25.95
N PRO B 47 20.94 -24.81 26.05
CA PRO B 47 20.88 -23.77 25.02
C PRO B 47 22.08 -22.82 25.04
N PRO B 48 22.40 -22.13 23.93
CA PRO B 48 23.47 -21.15 23.92
C PRO B 48 22.97 -19.87 24.62
N ARG B 49 23.79 -19.32 25.51
CA ARG B 49 23.48 -18.13 26.35
C ARG B 49 24.55 -17.04 26.22
N THR B 50 25.80 -17.43 25.92
CA THR B 50 27.00 -16.54 25.92
C THR B 50 27.51 -16.37 24.51
N ALA B 51 28.37 -15.37 24.29
CA ALA B 51 29.01 -15.00 23.00
C ALA B 51 29.81 -16.18 22.45
N ASP B 52 30.58 -16.87 23.29
CA ASP B 52 31.46 -18.00 22.87
C ASP B 52 30.60 -19.14 22.33
N ASP B 53 29.41 -19.33 22.92
CA ASP B 53 28.42 -20.37 22.50
C ASP B 53 27.91 -20.10 21.08
N PHE B 54 27.99 -18.85 20.60
CA PHE B 54 27.42 -18.43 19.29
C PHE B 54 28.14 -19.14 18.13
N ALA B 55 29.44 -19.43 18.27
CA ALA B 55 30.22 -20.19 17.27
C ALA B 55 29.56 -21.55 17.01
N GLY B 56 28.93 -22.15 18.04
CA GLY B 56 28.30 -23.47 17.99
C GLY B 56 26.93 -23.46 17.30
N VAL B 57 26.31 -22.28 17.14
CA VAL B 57 24.85 -22.18 16.84
C VAL B 57 24.56 -22.67 15.42
N GLU B 58 23.50 -23.49 15.30
CA GLU B 58 23.01 -24.11 14.06
C GLU B 58 22.30 -23.05 13.20
N VAL B 59 22.59 -23.07 11.89
CA VAL B 59 21.92 -22.25 10.85
C VAL B 59 20.40 -22.42 10.94
N THR B 60 19.67 -21.33 10.67
CA THR B 60 18.20 -21.31 10.47
C THR B 60 17.95 -21.12 8.98
N ALA B 61 17.30 -22.07 8.33
CA ALA B 61 17.09 -22.08 6.86
C ALA B 61 15.72 -21.46 6.54
N LYS B 62 15.54 -20.98 5.32
CA LYS B 62 14.23 -20.49 4.80
C LYS B 62 13.16 -21.54 5.07
N GLN B 63 13.46 -22.82 4.86
CA GLN B 63 12.48 -23.91 4.98
C GLN B 63 11.97 -23.94 6.42
N ASP B 64 12.82 -23.56 7.41
CA ASP B 64 12.40 -23.47 8.84
C ASP B 64 11.33 -22.38 8.98
N LEU B 65 11.59 -21.19 8.43
CA LEU B 65 10.62 -20.06 8.47
C LEU B 65 9.31 -20.48 7.82
N ARG B 66 9.35 -21.26 6.74
CA ARG B 66 8.11 -21.73 6.03
C ARG B 66 7.38 -22.77 6.90
N ASP B 67 8.11 -23.73 7.49
CA ASP B 67 7.53 -24.78 8.36
C ASP B 67 6.86 -24.14 9.59
N GLN B 68 7.34 -22.97 10.02
CA GLN B 68 6.90 -22.33 11.27
C GLN B 68 5.76 -21.35 10.98
N TYR B 69 5.32 -21.22 9.73
CA TYR B 69 4.25 -20.27 9.34
C TYR B 69 3.01 -20.53 10.20
N PRO B 70 2.31 -19.51 10.73
CA PRO B 70 2.77 -18.12 10.72
C PRO B 70 3.66 -17.65 11.90
N PHE B 71 3.46 -18.15 13.13
CA PHE B 71 4.02 -17.53 14.37
C PHE B 71 4.89 -18.49 15.20
N GLY B 72 5.48 -19.50 14.57
CA GLY B 72 6.43 -20.40 15.25
C GLY B 72 7.72 -19.69 15.65
N MET B 73 8.06 -18.55 15.04
CA MET B 73 9.32 -17.80 15.34
C MET B 73 9.02 -16.64 16.30
N LEU B 74 7.81 -16.56 16.87
CA LEU B 74 7.35 -15.40 17.67
C LEU B 74 7.85 -15.52 19.12
N ALA B 75 8.61 -14.52 19.61
CA ALA B 75 9.26 -14.54 20.94
C ALA B 75 8.56 -13.59 21.93
N VAL B 76 7.54 -12.85 21.51
CA VAL B 76 6.81 -11.90 22.40
C VAL B 76 5.32 -12.21 22.28
N GLY B 77 4.53 -11.72 23.26
CA GLY B 77 3.06 -11.69 23.17
C GLY B 77 2.64 -10.99 21.88
N ARG B 78 1.56 -11.45 21.26
CA ARG B 78 1.05 -10.89 19.98
C ARG B 78 0.63 -9.43 20.19
N GLU B 79 0.29 -9.07 21.43
CA GLU B 79 -0.15 -7.70 21.81
C GLU B 79 0.98 -6.70 21.50
N HIS B 80 2.25 -7.14 21.51
CA HIS B 80 3.44 -6.29 21.29
C HIS B 80 3.77 -6.13 19.80
N LEU B 81 3.14 -6.89 18.88
CA LEU B 81 3.46 -6.73 17.43
C LEU B 81 2.86 -5.41 16.96
N ALA B 82 3.59 -4.70 16.10
CA ALA B 82 3.09 -3.50 15.39
C ALA B 82 2.57 -3.92 14.01
N THR B 83 3.39 -4.57 13.20
CA THR B 83 3.00 -4.98 11.82
C THR B 83 3.45 -6.41 11.55
N TYR B 84 2.75 -7.01 10.59
CA TYR B 84 2.96 -8.37 10.05
C TYR B 84 3.19 -8.23 8.55
N HIS B 85 4.11 -9.04 8.01
CA HIS B 85 4.46 -9.01 6.58
C HIS B 85 4.69 -10.43 6.08
N GLU B 86 4.59 -10.61 4.76
CA GLU B 86 5.00 -11.86 4.11
C GLU B 86 5.94 -11.51 2.97
N SER B 87 6.81 -12.46 2.67
CA SER B 87 7.88 -12.34 1.64
C SER B 87 7.26 -12.37 0.25
N SER B 88 8.00 -11.85 -0.72
CA SER B 88 7.71 -12.02 -2.17
C SER B 88 7.95 -13.49 -2.56
N GLY B 89 7.85 -13.81 -3.86
CA GLY B 89 8.03 -15.19 -4.35
C GLY B 89 6.75 -16.00 -4.26
N THR B 90 6.88 -17.31 -4.06
CA THR B 90 5.78 -18.30 -4.06
C THR B 90 4.70 -17.88 -3.06
N ALA B 91 3.47 -17.71 -3.55
CA ALA B 91 2.28 -17.48 -2.70
C ALA B 91 1.93 -18.79 -1.98
N GLY B 92 2.24 -19.94 -2.61
CA GLY B 92 1.93 -21.28 -2.10
C GLY B 92 2.63 -21.58 -0.79
N GLU B 93 3.81 -21.01 -0.56
CA GLU B 93 4.65 -21.32 0.64
C GLU B 93 5.06 -20.02 1.31
N PRO B 94 4.15 -19.35 2.05
CA PRO B 94 4.44 -18.04 2.59
C PRO B 94 5.50 -18.06 3.70
N THR B 95 6.29 -17.00 3.75
CA THR B 95 7.21 -16.66 4.86
C THR B 95 6.68 -15.43 5.59
N ALA B 96 6.36 -15.58 6.88
CA ALA B 96 5.89 -14.49 7.76
C ALA B 96 7.07 -13.82 8.46
N SER B 97 7.01 -12.50 8.57
N SER B 97 7.02 -12.49 8.53
CA SER B 97 7.88 -11.73 9.48
CA SER B 97 7.89 -11.62 9.36
C SER B 97 7.01 -10.67 10.16
C SER B 97 6.99 -10.67 10.17
N TYR B 98 7.42 -10.24 11.34
CA TYR B 98 6.62 -9.36 12.23
C TYR B 98 7.58 -8.64 13.17
N TYR B 99 7.16 -7.46 13.61
CA TYR B 99 8.02 -6.44 14.24
C TYR B 99 7.22 -5.69 15.32
N THR B 100 7.82 -5.51 16.49
CA THR B 100 7.34 -4.55 17.52
C THR B 100 7.61 -3.13 17.01
N GLU B 101 7.09 -2.12 17.71
CA GLU B 101 7.38 -0.68 17.44
C GLU B 101 8.90 -0.45 17.53
N GLU B 102 9.57 -1.05 18.52
CA GLU B 102 11.01 -0.83 18.77
C GLU B 102 11.81 -1.53 17.67
N ASP B 103 11.40 -2.73 17.28
CA ASP B 103 11.96 -3.41 16.09
C ASP B 103 11.91 -2.46 14.88
N TRP B 104 10.81 -1.73 14.73
CA TRP B 104 10.59 -0.83 13.56
C TRP B 104 11.58 0.33 13.58
N THR B 105 11.92 0.86 14.75
CA THR B 105 12.90 1.97 14.84
C THR B 105 14.23 1.51 14.26
N ASP B 106 14.69 0.29 14.57
CA ASP B 106 15.95 -0.27 14.00
C ASP B 106 15.81 -0.37 12.48
N LEU B 107 14.71 -0.96 11.97
CA LEU B 107 14.45 -1.13 10.52
C LEU B 107 14.52 0.23 9.81
N ALA B 108 13.82 1.22 10.34
CA ALA B 108 13.71 2.56 9.73
C ALA B 108 15.09 3.23 9.70
N GLU B 109 15.88 3.11 10.78
CA GLU B 109 17.23 3.74 10.87
C GLU B 109 18.11 3.12 9.78
N ARG B 110 18.05 1.81 9.60
CA ARG B 110 18.89 1.10 8.59
C ARG B 110 18.54 1.56 7.18
N PHE B 111 17.25 1.65 6.83
CA PHE B 111 16.87 2.16 5.49
C PHE B 111 17.39 3.59 5.31
N ALA B 112 17.25 4.39 6.35
CA ALA B 112 17.59 5.84 6.35
C ALA B 112 19.10 6.07 6.18
N ARG B 113 19.94 5.03 6.27
CA ARG B 113 21.40 5.21 6.02
C ARG B 113 21.64 5.38 4.50
N LYS B 114 21.22 6.53 3.97
CA LYS B 114 21.31 6.88 2.54
C LYS B 114 22.35 7.99 2.46
N TRP B 115 23.46 7.76 1.77
CA TRP B 115 24.63 8.68 1.74
C TRP B 115 24.20 10.04 1.19
N THR B 116 23.11 10.10 0.42
CA THR B 116 22.52 11.35 -0.14
C THR B 116 21.72 12.12 0.92
N GLY B 117 21.42 11.47 2.05
CA GLY B 117 20.51 12.04 3.09
C GLY B 117 19.04 11.87 2.71
N ILE B 118 18.17 11.92 3.71
CA ILE B 118 16.70 12.16 3.60
C ILE B 118 16.38 13.29 4.60
N HIS B 119 15.85 14.40 4.09
CA HIS B 119 15.64 15.66 4.83
C HIS B 119 14.17 16.05 4.74
N PRO B 120 13.70 16.94 5.67
CA PRO B 120 12.40 17.58 5.57
C PRO B 120 12.12 18.28 4.21
N SER B 121 13.16 18.79 3.55
CA SER B 121 13.06 19.50 2.25
C SER B 121 12.74 18.50 1.11
N ASP B 122 12.80 17.19 1.37
CA ASP B 122 12.59 16.15 0.33
C ASP B 122 11.09 15.83 0.20
N THR B 123 10.67 15.57 -1.03
CA THR B 123 9.40 14.93 -1.40
C THR B 123 9.76 13.56 -1.97
N PHE B 124 9.33 12.50 -1.29
CA PHE B 124 9.83 11.11 -1.43
C PHE B 124 8.70 10.23 -1.98
N LEU B 125 8.82 9.84 -3.25
CA LEU B 125 7.85 8.95 -3.94
C LEU B 125 8.23 7.51 -3.60
N VAL B 126 7.38 6.85 -2.84
CA VAL B 126 7.56 5.42 -2.48
C VAL B 126 6.81 4.60 -3.52
N ARG B 127 7.55 3.90 -4.38
CA ARG B 127 7.02 3.21 -5.58
C ARG B 127 7.43 1.73 -5.51
N THR B 128 7.19 1.11 -4.36
CA THR B 128 7.26 -0.34 -4.15
C THR B 128 5.94 -0.74 -3.49
N PRO B 129 5.61 -2.05 -3.43
CA PRO B 129 4.29 -2.45 -2.94
C PRO B 129 4.13 -2.26 -1.42
N TYR B 130 2.89 -2.01 -1.02
CA TYR B 130 2.43 -1.96 0.39
C TYR B 130 1.58 -3.20 0.71
N GLY B 131 1.33 -4.07 -0.26
CA GLY B 131 0.47 -5.25 -0.08
C GLY B 131 1.25 -6.41 0.51
N LEU B 132 1.14 -6.60 1.84
CA LEU B 132 1.84 -7.62 2.69
C LEU B 132 3.36 -7.43 2.75
N VAL B 133 4.01 -7.17 1.62
CA VAL B 133 5.50 -7.02 1.62
C VAL B 133 5.87 -5.79 2.46
N ILE B 134 7.11 -5.75 2.93
CA ILE B 134 7.57 -4.73 3.92
C ILE B 134 8.01 -3.45 3.20
N THR B 135 8.40 -3.56 1.94
CA THR B 135 9.22 -2.55 1.22
C THR B 135 8.56 -1.16 1.23
N GLY B 136 7.28 -1.03 0.88
CA GLY B 136 6.58 0.27 0.89
C GLY B 136 6.56 0.89 2.29
N HIS B 137 6.22 0.07 3.28
CA HIS B 137 6.08 0.47 4.70
C HIS B 137 7.45 0.91 5.22
N LEU B 138 8.51 0.21 4.82
CA LEU B 138 9.90 0.48 5.29
C LEU B 138 10.31 1.86 4.79
N ALA B 139 10.19 2.13 3.49
CA ALA B 139 10.55 3.44 2.90
C ALA B 139 9.70 4.54 3.54
N GLN B 140 8.41 4.29 3.74
CA GLN B 140 7.51 5.30 4.34
C GLN B 140 7.97 5.59 5.79
N ALA B 141 8.32 4.56 6.58
CA ALA B 141 8.72 4.74 8.01
C ALA B 141 10.02 5.56 8.06
N ALA B 142 10.96 5.33 7.14
CA ALA B 142 12.24 6.07 7.08
C ALA B 142 11.94 7.51 6.68
N GLY B 143 11.08 7.71 5.69
CA GLY B 143 10.62 9.04 5.27
C GLY B 143 10.09 9.86 6.43
N ARG B 144 9.27 9.24 7.28
CA ARG B 144 8.61 9.93 8.40
C ARG B 144 9.65 10.11 9.52
N LEU B 145 10.54 9.15 9.73
CA LEU B 145 11.64 9.29 10.73
C LEU B 145 12.41 10.57 10.42
N ARG B 146 12.69 10.86 9.14
CA ARG B 146 13.56 11.98 8.72
C ARG B 146 12.76 13.23 8.32
N GLY B 147 11.41 13.22 8.35
CA GLY B 147 10.57 14.41 8.12
C GLY B 147 10.31 14.71 6.65
N ALA B 148 10.68 13.81 5.73
CA ALA B 148 10.45 13.97 4.27
C ALA B 148 8.94 13.84 4.00
N THR B 149 8.40 14.59 3.05
CA THR B 149 7.00 14.42 2.59
C THR B 149 6.93 13.09 1.82
N VAL B 150 6.17 12.13 2.32
CA VAL B 150 6.03 10.82 1.66
C VAL B 150 4.82 10.86 0.73
N VAL B 151 5.05 10.56 -0.53
CA VAL B 151 3.99 10.29 -1.56
C VAL B 151 3.91 8.77 -1.72
N PRO B 152 2.83 8.12 -1.25
CA PRO B 152 2.71 6.67 -1.35
C PRO B 152 2.24 6.28 -2.76
N GLY B 153 3.20 5.96 -3.62
CA GLY B 153 2.93 5.57 -5.01
C GLY B 153 2.45 4.15 -5.06
N ASP B 154 2.82 3.33 -4.07
CA ASP B 154 2.54 1.87 -4.05
C ASP B 154 3.10 1.38 -5.40
N ALA B 155 3.00 0.10 -5.69
CA ALA B 155 3.43 -0.51 -6.95
C ALA B 155 2.54 -1.72 -7.10
N ARG B 156 2.12 -2.01 -8.32
CA ARG B 156 1.28 -3.17 -8.66
C ARG B 156 -0.15 -2.87 -8.23
N SER B 157 -0.43 -1.61 -7.95
CA SER B 157 -1.79 -1.10 -7.63
C SER B 157 -2.43 -0.53 -8.89
N LEU B 158 -3.68 -0.88 -9.13
CA LEU B 158 -4.52 -0.32 -10.21
C LEU B 158 -4.71 1.19 -10.01
N ALA B 159 -4.55 1.71 -8.77
CA ALA B 159 -4.74 3.15 -8.44
C ALA B 159 -3.58 3.98 -8.99
N THR B 160 -2.39 3.40 -9.18
CA THR B 160 -1.17 4.20 -9.47
C THR B 160 -0.45 3.66 -10.71
N PRO B 161 -1.01 3.84 -11.92
CA PRO B 161 -0.31 3.45 -13.14
C PRO B 161 0.82 4.45 -13.42
N LEU B 162 1.77 4.05 -14.26
CA LEU B 162 2.99 4.84 -14.54
C LEU B 162 2.61 6.24 -15.00
N SER B 163 1.58 6.43 -15.84
CA SER B 163 1.20 7.80 -16.31
C SER B 163 0.98 8.71 -15.10
N ARG B 164 0.29 8.22 -14.09
CA ARG B 164 -0.02 9.03 -12.89
C ARG B 164 1.29 9.28 -12.10
N MET B 165 2.19 8.32 -12.04
CA MET B 165 3.48 8.49 -11.32
C MET B 165 4.34 9.55 -12.01
N VAL B 166 4.34 9.58 -13.34
CA VAL B 166 5.11 10.60 -14.13
C VAL B 166 4.55 11.98 -13.80
N ARG B 167 3.23 12.11 -13.81
CA ARG B 167 2.57 13.41 -13.53
C ARG B 167 2.98 13.85 -12.11
N VAL B 168 2.99 12.93 -11.14
CA VAL B 168 3.37 13.23 -9.72
C VAL B 168 4.84 13.64 -9.64
N LEU B 169 5.74 12.88 -10.26
CA LEU B 169 7.20 13.18 -10.31
C LEU B 169 7.38 14.64 -10.71
N LYS B 170 6.69 15.05 -11.77
CA LYS B 170 6.84 16.38 -12.40
C LYS B 170 6.14 17.44 -11.55
N THR B 171 4.85 17.31 -11.30
CA THR B 171 3.99 18.40 -10.76
C THR B 171 4.28 18.64 -9.28
N LEU B 172 4.68 17.61 -8.51
CA LEU B 172 4.97 17.75 -7.05
C LEU B 172 6.46 18.05 -6.81
N ASP B 173 7.30 18.12 -7.85
CA ASP B 173 8.75 18.42 -7.70
C ASP B 173 9.38 17.33 -6.81
N VAL B 174 9.11 16.06 -7.08
CA VAL B 174 9.66 14.94 -6.29
C VAL B 174 11.19 15.03 -6.31
N THR B 175 11.82 14.82 -5.16
CA THR B 175 13.29 14.94 -4.95
C THR B 175 13.92 13.55 -4.83
N LEU B 176 13.17 12.56 -4.31
CA LEU B 176 13.68 11.19 -4.06
C LEU B 176 12.64 10.17 -4.51
N THR B 177 13.11 9.05 -5.09
CA THR B 177 12.25 7.90 -5.45
C THR B 177 12.79 6.67 -4.74
N TRP B 178 11.93 5.69 -4.52
CA TRP B 178 12.26 4.32 -4.06
C TRP B 178 11.45 3.36 -4.92
N CYS B 179 12.15 2.53 -5.66
CA CYS B 179 11.57 1.54 -6.60
C CYS B 179 12.71 0.66 -7.12
N ASN B 180 12.34 -0.51 -7.62
CA ASN B 180 13.34 -1.48 -8.12
C ASN B 180 13.93 -0.91 -9.43
N PRO B 181 15.10 -1.41 -9.88
CA PRO B 181 15.77 -0.86 -11.06
C PRO B 181 14.97 -0.97 -12.38
N THR B 182 14.17 -2.02 -12.54
CA THR B 182 13.27 -2.15 -13.72
C THR B 182 12.25 -1.01 -13.66
N GLU B 183 11.74 -0.68 -12.49
CA GLU B 183 10.74 0.40 -12.37
C GLU B 183 11.39 1.75 -12.74
N ILE B 184 12.68 1.93 -12.46
CA ILE B 184 13.40 3.17 -12.87
C ILE B 184 13.30 3.31 -14.41
N THR B 185 13.49 2.23 -15.18
CA THR B 185 13.43 2.24 -16.66
C THR B 185 11.97 2.41 -17.11
N MET B 186 11.02 1.74 -16.44
N MET B 186 11.03 1.76 -16.43
CA MET B 186 9.58 1.86 -16.75
CA MET B 186 9.58 1.85 -16.72
C MET B 186 9.16 3.32 -16.60
C MET B 186 9.17 3.32 -16.61
N LEU B 187 9.55 4.01 -15.52
CA LEU B 187 9.24 5.45 -15.30
C LEU B 187 9.87 6.32 -16.39
N ALA B 188 11.10 6.02 -16.81
CA ALA B 188 11.78 6.77 -17.88
C ALA B 188 10.97 6.61 -19.18
N ALA B 189 10.51 5.41 -19.48
CA ALA B 189 9.77 5.10 -20.73
C ALA B 189 8.42 5.80 -20.66
N ALA B 190 7.76 5.81 -19.50
CA ALA B 190 6.47 6.49 -19.32
C ALA B 190 6.65 8.01 -19.44
N ALA B 191 7.77 8.56 -18.94
CA ALA B 191 8.07 10.01 -19.07
C ALA B 191 8.16 10.38 -20.56
N LYS B 192 8.94 9.64 -21.34
CA LYS B 192 9.11 9.89 -22.80
C LYS B 192 7.74 9.85 -23.47
N ALA B 193 6.92 8.83 -23.16
CA ALA B 193 5.57 8.63 -23.73
C ALA B 193 4.69 9.85 -23.41
N ALA B 194 4.93 10.54 -22.29
CA ALA B 194 4.16 11.74 -21.88
C ALA B 194 4.79 13.01 -22.44
N GLY B 195 5.87 12.90 -23.22
CA GLY B 195 6.53 14.05 -23.85
C GLY B 195 7.51 14.74 -22.93
N LEU B 196 8.07 14.01 -21.95
CA LEU B 196 9.05 14.58 -20.97
C LEU B 196 10.37 13.82 -21.10
N ARG B 197 11.48 14.56 -21.02
CA ARG B 197 12.85 14.00 -21.05
C ARG B 197 13.29 13.69 -19.62
N PRO B 198 13.49 12.41 -19.27
CA PRO B 198 14.00 12.05 -17.95
C PRO B 198 15.32 12.76 -17.58
N ASP B 199 16.16 13.05 -18.57
CA ASP B 199 17.53 13.59 -18.30
C ASP B 199 17.48 15.11 -18.07
N GLN B 200 16.34 15.79 -18.28
CA GLN B 200 16.27 17.27 -18.16
C GLN B 200 14.97 17.78 -17.54
N ASP B 201 13.83 17.10 -17.67
CA ASP B 201 12.50 17.71 -17.38
C ASP B 201 12.09 17.45 -15.92
N PHE B 202 12.94 16.83 -15.10
CA PHE B 202 12.69 16.59 -13.66
C PHE B 202 13.81 17.20 -12.84
N PRO B 203 13.96 18.55 -12.88
CA PRO B 203 15.13 19.21 -12.29
C PRO B 203 15.29 19.04 -10.77
N HIS B 204 14.19 18.82 -10.04
CA HIS B 204 14.19 18.68 -8.56
C HIS B 204 14.57 17.26 -8.14
N LEU B 205 14.51 16.27 -9.04
CA LEU B 205 14.85 14.88 -8.69
C LEU B 205 16.36 14.80 -8.41
N ARG B 206 16.75 14.49 -7.17
CA ARG B 206 18.20 14.58 -6.77
C ARG B 206 18.77 13.18 -6.50
N ALA B 207 17.95 12.15 -6.25
CA ALA B 207 18.49 10.78 -6.06
C ALA B 207 17.38 9.74 -6.24
N MET B 208 17.78 8.54 -6.62
CA MET B 208 16.86 7.39 -6.82
C MET B 208 17.39 6.23 -5.99
N PHE B 209 16.61 5.80 -5.00
CA PHE B 209 16.93 4.65 -4.11
C PHE B 209 16.35 3.40 -4.78
N THR B 210 17.10 2.30 -4.76
CA THR B 210 16.72 1.09 -5.49
C THR B 210 17.24 -0.13 -4.74
N ALA B 211 16.64 -1.28 -5.03
CA ALA B 211 16.94 -2.60 -4.44
C ALA B 211 16.15 -3.67 -5.18
N ALA B 212 16.26 -4.91 -4.71
CA ALA B 212 15.28 -6.00 -4.95
C ALA B 212 15.73 -6.87 -6.14
N GLU B 213 16.63 -6.36 -7.00
CA GLU B 213 17.18 -7.10 -8.17
C GLU B 213 18.70 -7.02 -8.17
N PRO B 214 19.36 -8.09 -8.62
CA PRO B 214 20.80 -8.05 -8.87
C PRO B 214 21.07 -6.97 -9.94
N LEU B 215 21.97 -6.05 -9.63
CA LEU B 215 22.15 -4.78 -10.39
C LEU B 215 23.64 -4.59 -10.62
N THR B 216 24.11 -4.71 -11.87
CA THR B 216 25.52 -4.46 -12.24
C THR B 216 25.77 -2.96 -12.17
N GLU B 217 27.02 -2.60 -11.95
CA GLU B 217 27.51 -1.20 -11.99
C GLU B 217 27.21 -0.62 -13.37
N VAL B 218 27.36 -1.41 -14.44
CA VAL B 218 27.12 -0.94 -15.84
C VAL B 218 25.65 -0.51 -15.96
N ARG B 219 24.72 -1.34 -15.50
CA ARG B 219 23.28 -0.97 -15.56
C ARG B 219 23.00 0.22 -14.65
N ARG B 220 23.53 0.19 -13.42
CA ARG B 220 23.29 1.26 -12.41
C ARG B 220 23.71 2.60 -13.02
N ARG B 221 24.87 2.66 -13.65
CA ARG B 221 25.41 3.89 -14.27
C ARG B 221 24.48 4.33 -15.41
N ARG B 222 23.99 3.40 -16.24
CA ARG B 222 23.06 3.77 -17.34
C ARG B 222 21.76 4.36 -16.75
N LEU B 223 21.20 3.78 -15.69
CA LEU B 223 19.97 4.30 -15.02
C LEU B 223 20.22 5.72 -14.53
N SER B 224 21.39 5.97 -13.95
CA SER B 224 21.80 7.34 -13.53
C SER B 224 21.79 8.28 -14.74
N GLU B 225 22.51 7.92 -15.80
CA GLU B 225 22.60 8.70 -17.07
C GLU B 225 21.18 8.97 -17.60
N ILE B 226 20.30 7.97 -17.65
CA ILE B 226 18.94 8.15 -18.22
C ILE B 226 18.25 9.31 -17.49
N TRP B 227 18.42 9.40 -16.16
CA TRP B 227 17.75 10.41 -15.31
C TRP B 227 18.67 11.62 -15.03
N GLY B 228 19.62 11.93 -15.92
CA GLY B 228 20.36 13.20 -15.87
C GLY B 228 21.68 13.11 -15.10
N GLY B 229 22.13 11.91 -14.75
CA GLY B 229 23.42 11.69 -14.05
C GLY B 229 23.27 11.77 -12.53
N ILE B 230 22.04 11.72 -12.01
CA ILE B 230 21.79 11.77 -10.55
C ILE B 230 22.18 10.43 -9.92
N PRO B 231 22.50 10.43 -8.62
CA PRO B 231 22.86 9.22 -7.91
C PRO B 231 21.71 8.18 -7.91
N VAL B 232 22.05 6.95 -8.26
CA VAL B 232 21.20 5.76 -8.05
C VAL B 232 21.78 5.01 -6.85
N VAL B 233 21.06 5.02 -5.74
CA VAL B 233 21.57 4.59 -4.40
C VAL B 233 20.93 3.24 -4.08
N GLU B 234 21.72 2.17 -4.12
CA GLU B 234 21.28 0.79 -3.93
C GLU B 234 21.32 0.44 -2.45
N GLU B 235 20.37 -0.41 -2.02
CA GLU B 235 20.47 -1.17 -0.76
C GLU B 235 20.05 -2.61 -1.03
N TYR B 236 20.37 -3.49 -0.08
CA TYR B 236 20.11 -4.94 -0.09
C TYR B 236 19.40 -5.26 1.22
N GLY B 237 18.29 -6.00 1.13
CA GLY B 237 17.53 -6.42 2.30
C GLY B 237 16.57 -7.55 1.96
N SER B 238 15.78 -7.90 2.94
CA SER B 238 14.77 -8.98 2.86
C SER B 238 13.70 -8.67 3.89
N THR B 239 12.52 -9.24 3.70
CA THR B 239 11.34 -9.02 4.56
C THR B 239 11.70 -9.46 5.98
N GLU B 240 12.46 -10.54 6.09
CA GLU B 240 12.80 -11.22 7.36
C GLU B 240 13.92 -10.48 8.10
N THR B 241 14.76 -9.71 7.39
CA THR B 241 15.95 -9.07 8.01
C THR B 241 15.85 -7.55 8.05
N GLY B 242 15.05 -6.93 7.18
CA GLY B 242 15.21 -5.51 6.82
C GLY B 242 16.46 -5.31 5.98
N THR B 243 16.90 -4.05 5.90
CA THR B 243 18.07 -3.58 5.12
C THR B 243 19.34 -4.12 5.78
N ILE B 244 20.14 -4.86 5.04
CA ILE B 244 21.38 -5.45 5.61
C ILE B 244 22.60 -4.75 5.03
N ALA B 245 22.47 -4.01 3.93
CA ALA B 245 23.61 -3.26 3.35
C ALA B 245 23.09 -2.05 2.58
N GLY B 246 23.91 -1.01 2.51
CA GLY B 246 23.55 0.20 1.75
C GLY B 246 24.77 0.76 1.06
N GLN B 247 24.53 1.52 -0.02
CA GLN B 247 25.59 2.06 -0.90
C GLN B 247 26.34 3.18 -0.16
N CYS B 248 27.65 3.25 -0.36
CA CYS B 248 28.49 4.42 0.03
C CYS B 248 28.66 5.32 -1.20
N PRO B 249 29.14 6.57 -1.07
CA PRO B 249 29.27 7.46 -2.23
C PRO B 249 30.17 6.93 -3.37
N GLU B 250 31.00 5.92 -3.10
CA GLU B 250 31.92 5.31 -4.09
C GLU B 250 31.18 4.27 -4.94
N GLY B 251 30.05 3.74 -4.46
CA GLY B 251 29.14 2.92 -5.27
C GLY B 251 29.15 1.45 -4.88
N ARG B 252 29.81 1.08 -3.78
CA ARG B 252 29.72 -0.28 -3.21
C ARG B 252 28.73 -0.26 -2.04
N MET B 253 28.04 -1.38 -1.83
CA MET B 253 27.15 -1.60 -0.66
C MET B 253 28.00 -2.13 0.50
N HIS B 254 27.82 -1.55 1.68
CA HIS B 254 28.46 -1.95 2.97
C HIS B 254 27.44 -2.64 3.86
N LEU B 255 27.84 -3.73 4.50
CA LEU B 255 26.98 -4.47 5.48
C LEU B 255 26.79 -3.62 6.74
N TRP B 256 25.55 -3.49 7.21
CA TRP B 256 25.25 -2.76 8.46
C TRP B 256 25.56 -3.66 9.66
N ALA B 257 26.84 -4.01 9.85
CA ALA B 257 27.33 -5.04 10.80
C ALA B 257 27.17 -4.59 12.27
N ASP B 258 26.98 -3.29 12.51
CA ASP B 258 26.67 -2.79 13.86
C ASP B 258 25.29 -3.30 14.29
N ARG B 259 24.41 -3.68 13.36
CA ARG B 259 23.01 -4.05 13.67
C ARG B 259 22.77 -5.56 13.46
N ALA B 260 23.74 -6.28 12.91
CA ALA B 260 23.60 -7.73 12.65
C ALA B 260 24.99 -8.35 12.50
N ILE B 261 25.12 -9.62 12.89
CA ILE B 261 26.32 -10.45 12.61
C ILE B 261 26.10 -11.09 11.23
N PHE B 262 27.00 -10.78 10.30
CA PHE B 262 27.00 -11.27 8.90
C PHE B 262 28.04 -12.36 8.76
N GLU B 263 27.65 -13.47 8.15
CA GLU B 263 28.56 -14.61 7.87
C GLU B 263 28.25 -15.10 6.45
N VAL B 264 29.25 -15.71 5.82
CA VAL B 264 29.17 -16.32 4.48
C VAL B 264 29.22 -17.84 4.67
N TYR B 265 28.21 -18.53 4.16
CA TYR B 265 28.02 -19.99 4.22
C TYR B 265 28.49 -20.57 2.89
N ASP B 266 29.48 -21.46 2.90
CA ASP B 266 29.88 -22.27 1.72
C ASP B 266 29.01 -23.52 1.76
N PRO B 267 28.12 -23.74 0.78
CA PRO B 267 27.21 -24.89 0.85
C PRO B 267 27.95 -26.22 0.67
N ARG B 268 29.08 -26.20 -0.06
CA ARG B 268 29.91 -27.39 -0.42
C ARG B 268 30.63 -27.91 0.83
N THR B 269 31.42 -27.07 1.50
CA THR B 269 32.19 -27.41 2.72
C THR B 269 31.29 -27.32 3.96
N GLY B 270 30.16 -26.64 3.88
CA GLY B 270 29.25 -26.38 5.02
C GLY B 270 29.90 -25.54 6.11
N THR B 271 30.80 -24.62 5.74
CA THR B 271 31.57 -23.75 6.68
C THR B 271 30.99 -22.33 6.68
N LEU B 272 31.01 -21.65 7.82
CA LEU B 272 30.67 -20.21 7.98
C LEU B 272 31.95 -19.40 8.21
N SER B 273 32.17 -18.34 7.43
CA SER B 273 33.29 -17.38 7.63
C SER B 273 32.75 -15.95 7.58
N GLU B 274 33.57 -14.96 7.94
CA GLU B 274 33.14 -13.55 8.06
C GLU B 274 33.28 -12.83 6.72
N ALA B 275 33.97 -13.44 5.74
CA ALA B 275 34.10 -12.87 4.38
C ALA B 275 34.17 -13.99 3.33
N GLY B 276 34.19 -13.60 2.06
CA GLY B 276 34.36 -14.50 0.91
C GLY B 276 33.08 -14.69 0.13
N ARG B 277 33.07 -15.71 -0.73
CA ARG B 277 32.00 -16.03 -1.71
C ARG B 277 31.11 -17.13 -1.10
N GLY B 278 29.79 -17.00 -1.21
CA GLY B 278 28.83 -18.00 -0.68
C GLY B 278 27.48 -17.40 -0.34
N GLN B 279 26.76 -18.02 0.59
CA GLN B 279 25.34 -17.70 0.91
C GLN B 279 25.26 -16.81 2.15
N MET B 280 24.52 -15.72 2.06
CA MET B 280 24.41 -14.64 3.08
C MET B 280 23.69 -15.18 4.32
N VAL B 281 24.37 -15.17 5.47
CA VAL B 281 23.80 -15.58 6.79
C VAL B 281 23.74 -14.34 7.69
N VAL B 282 22.65 -14.17 8.43
CA VAL B 282 22.35 -12.92 9.19
C VAL B 282 21.87 -13.30 10.59
N THR B 283 22.46 -12.69 11.63
CA THR B 283 21.92 -12.69 13.02
C THR B 283 21.61 -11.26 13.41
N PRO B 284 20.36 -10.79 13.27
CA PRO B 284 20.00 -9.43 13.68
C PRO B 284 20.20 -9.25 15.19
N LEU B 285 20.69 -8.08 15.62
CA LEU B 285 21.03 -7.85 17.05
C LEU B 285 19.95 -7.04 17.77
N TYR B 286 19.10 -6.27 17.07
CA TYR B 286 18.13 -5.32 17.71
C TYR B 286 16.70 -5.62 17.26
N ARG B 287 16.26 -6.83 17.59
CA ARG B 287 14.85 -7.24 17.42
C ARG B 287 14.40 -8.10 18.61
N ASP B 288 13.11 -8.02 18.90
CA ASP B 288 12.42 -8.69 20.03
C ASP B 288 11.42 -9.72 19.47
N ALA B 289 10.61 -9.34 18.46
CA ALA B 289 9.42 -10.13 18.03
C ALA B 289 9.85 -11.45 17.39
N MET B 290 10.77 -11.40 16.43
N MET B 290 10.76 -11.40 16.41
CA MET B 290 11.11 -12.55 15.55
CA MET B 290 11.10 -12.59 15.59
C MET B 290 12.62 -12.77 15.57
C MET B 290 12.61 -12.80 15.56
N PRO B 291 13.18 -13.28 16.68
CA PRO B 291 14.61 -13.58 16.75
C PRO B 291 15.01 -14.59 15.65
N LEU B 292 16.13 -14.31 14.99
CA LEU B 292 16.78 -15.19 13.99
C LEU B 292 18.25 -15.43 14.40
N LEU B 293 18.62 -16.70 14.59
CA LEU B 293 20.03 -17.11 14.84
C LEU B 293 20.58 -17.68 13.53
N ARG B 294 21.56 -16.97 12.94
CA ARG B 294 22.27 -17.36 11.69
C ARG B 294 21.24 -17.82 10.66
N TYR B 295 20.33 -16.93 10.29
CA TYR B 295 19.36 -17.13 9.18
C TYR B 295 20.08 -17.04 7.84
N ASN B 296 20.01 -18.12 7.06
CA ASN B 296 20.59 -18.21 5.69
C ASN B 296 19.56 -17.70 4.67
N LEU B 297 19.69 -16.46 4.22
CA LEU B 297 18.89 -15.88 3.11
C LEU B 297 19.06 -16.71 1.85
N ALA B 298 20.17 -17.46 1.74
CA ALA B 298 20.51 -18.31 0.58
C ALA B 298 20.79 -17.44 -0.65
N ASP B 299 20.99 -16.13 -0.49
CA ASP B 299 21.46 -15.30 -1.62
C ASP B 299 22.95 -15.57 -1.83
N ASP B 300 23.35 -15.67 -3.10
CA ASP B 300 24.76 -15.83 -3.50
C ASP B 300 25.45 -14.46 -3.43
N VAL B 301 26.43 -14.29 -2.54
CA VAL B 301 27.09 -12.96 -2.30
C VAL B 301 28.61 -13.14 -2.24
N GLU B 302 29.35 -12.07 -2.56
CA GLU B 302 30.79 -11.91 -2.19
C GLU B 302 30.89 -10.78 -1.17
N VAL B 303 31.38 -11.10 0.03
CA VAL B 303 31.67 -10.15 1.13
C VAL B 303 33.19 -9.91 1.12
N SER B 304 33.61 -8.65 1.04
CA SER B 304 35.03 -8.23 1.12
C SER B 304 35.16 -7.31 2.33
N THR B 305 36.23 -7.51 3.12
CA THR B 305 36.67 -6.60 4.21
C THR B 305 37.76 -5.67 3.67
N ASP B 306 37.97 -5.65 2.34
CA ASP B 306 38.93 -4.74 1.67
C ASP B 306 38.51 -3.29 1.93
N PRO B 307 39.46 -2.37 2.19
CA PRO B 307 39.12 -0.99 2.48
C PRO B 307 38.58 -0.33 1.21
N CYS B 308 37.46 0.38 1.33
CA CYS B 308 36.88 1.23 0.25
C CYS B 308 37.30 2.70 0.44
N GLY B 309 37.26 3.49 -0.64
CA GLY B 309 37.53 4.94 -0.66
C GLY B 309 36.59 5.76 0.23
N CYS B 310 35.46 5.20 0.68
CA CYS B 310 34.47 5.88 1.57
C CYS B 310 34.98 5.96 3.01
N GLY B 311 35.58 4.87 3.52
CA GLY B 311 36.27 4.79 4.82
C GLY B 311 35.34 4.46 5.99
N TRP B 312 34.17 3.85 5.75
CA TRP B 312 33.11 3.67 6.77
C TRP B 312 33.51 2.61 7.83
N LEU B 313 34.45 1.73 7.50
CA LEU B 313 34.94 0.65 8.40
C LEU B 313 33.85 -0.40 8.53
N LEU B 314 33.34 -0.85 7.38
CA LEU B 314 32.36 -1.95 7.28
C LEU B 314 32.72 -2.75 6.04
N PRO B 315 32.57 -4.09 6.05
CA PRO B 315 32.79 -4.88 4.85
C PRO B 315 31.77 -4.53 3.76
N THR B 316 32.17 -4.68 2.51
CA THR B 316 31.33 -4.48 1.32
C THR B 316 30.67 -5.82 0.96
N VAL B 317 29.58 -5.76 0.22
CA VAL B 317 28.87 -6.97 -0.28
C VAL B 317 28.38 -6.70 -1.70
N THR B 318 28.62 -7.68 -2.57
CA THR B 318 28.05 -7.80 -3.93
C THR B 318 27.04 -8.96 -3.92
N VAL B 319 25.84 -8.71 -4.43
CA VAL B 319 24.74 -9.69 -4.47
C VAL B 319 24.59 -10.18 -5.92
N LEU B 320 25.14 -11.36 -6.21
CA LEU B 320 24.97 -12.08 -7.49
C LEU B 320 23.53 -12.58 -7.57
N GLY B 321 23.05 -13.25 -6.51
CA GLY B 321 21.72 -13.89 -6.45
C GLY B 321 21.53 -14.87 -7.59
N ARG B 322 20.32 -14.90 -8.16
CA ARG B 322 19.94 -15.75 -9.32
C ARG B 322 20.75 -15.34 -10.56
N ALA B 323 21.07 -14.05 -10.69
CA ALA B 323 21.80 -13.44 -11.83
C ALA B 323 23.25 -13.94 -11.91
N GLY B 324 23.69 -14.69 -10.89
CA GLY B 324 24.99 -15.39 -10.86
C GLY B 324 24.88 -16.84 -11.32
N THR B 325 23.67 -17.37 -11.57
CA THR B 325 23.42 -18.76 -12.05
C THR B 325 23.95 -18.89 -13.49
N GLY B 326 25.07 -19.61 -13.64
CA GLY B 326 25.58 -20.06 -14.95
C GLY B 326 24.60 -20.98 -15.63
N HIS B 327 24.17 -20.62 -16.85
CA HIS B 327 23.51 -21.53 -17.81
C HIS B 327 24.59 -21.90 -18.83
N ARG B 328 24.93 -23.19 -18.92
CA ARG B 328 25.96 -23.67 -19.87
C ARG B 328 25.29 -23.67 -21.24
N ILE B 329 25.93 -23.05 -22.23
CA ILE B 329 25.50 -23.10 -23.66
C ILE B 329 26.70 -23.57 -24.47
N GLY B 330 26.75 -24.88 -24.76
CA GLY B 330 27.97 -25.60 -25.14
C GLY B 330 29.10 -25.34 -24.14
N PRO B 331 30.28 -24.85 -24.62
CA PRO B 331 31.44 -24.69 -23.75
C PRO B 331 31.40 -23.43 -22.88
N ALA B 332 30.48 -22.49 -23.17
CA ALA B 332 30.37 -21.18 -22.50
C ALA B 332 29.31 -21.21 -21.38
N THR B 333 29.57 -20.46 -20.32
CA THR B 333 28.65 -20.18 -19.19
C THR B 333 28.15 -18.74 -19.35
N VAL B 334 26.83 -18.54 -19.48
CA VAL B 334 26.22 -17.17 -19.54
C VAL B 334 25.44 -16.97 -18.24
N THR B 335 25.67 -15.83 -17.60
CA THR B 335 24.96 -15.36 -16.39
C THR B 335 24.12 -14.16 -16.82
N GLN B 336 22.99 -13.91 -16.16
CA GLN B 336 22.22 -12.67 -16.37
C GLN B 336 23.14 -11.46 -16.19
N GLN B 337 23.94 -11.46 -15.11
N GLN B 337 23.93 -11.47 -15.10
CA GLN B 337 24.80 -10.32 -14.72
CA GLN B 337 24.84 -10.36 -14.71
C GLN B 337 25.73 -9.98 -15.90
C GLN B 337 25.70 -9.99 -15.92
N ARG B 338 26.32 -10.98 -16.55
CA ARG B 338 27.25 -10.73 -17.68
C ARG B 338 26.48 -10.25 -18.92
N LEU B 339 25.33 -10.84 -19.27
CA LEU B 339 24.50 -10.37 -20.41
C LEU B 339 24.07 -8.92 -20.16
N GLU B 340 23.70 -8.60 -18.92
CA GLU B 340 23.21 -7.25 -18.54
C GLU B 340 24.31 -6.23 -18.82
N GLU B 341 25.55 -6.57 -18.48
CA GLU B 341 26.73 -5.68 -18.69
C GLU B 341 26.88 -5.39 -20.19
N LEU B 342 26.62 -6.37 -21.05
CA LEU B 342 26.73 -6.22 -22.53
C LEU B 342 25.53 -5.38 -23.03
N VAL B 343 24.31 -5.69 -22.61
CA VAL B 343 23.12 -4.94 -23.08
C VAL B 343 23.28 -3.46 -22.73
N PHE B 344 23.67 -3.15 -21.49
CA PHE B 344 23.71 -1.76 -20.99
C PHE B 344 25.06 -1.10 -21.33
N SER B 345 25.92 -1.77 -22.09
CA SER B 345 27.12 -1.16 -22.72
C SER B 345 26.79 -0.58 -24.09
N LEU B 346 25.66 -0.97 -24.70
CA LEU B 346 25.17 -0.32 -25.95
C LEU B 346 25.05 1.19 -25.71
N PRO B 347 25.41 2.04 -26.70
CA PRO B 347 25.33 3.49 -26.53
C PRO B 347 23.94 3.93 -26.04
N ALA B 348 23.87 4.86 -25.09
CA ALA B 348 22.61 5.37 -24.48
C ALA B 348 21.63 5.87 -25.56
N ALA B 349 22.14 6.43 -26.67
CA ALA B 349 21.32 7.01 -27.75
C ALA B 349 20.49 5.92 -28.45
N TYR B 350 20.86 4.64 -28.34
CA TYR B 350 20.10 3.50 -28.92
C TYR B 350 18.81 3.24 -28.10
N GLU B 351 18.75 3.69 -26.84
CA GLU B 351 17.55 3.61 -25.94
C GLU B 351 17.15 2.15 -25.71
N VAL B 352 18.10 1.22 -25.62
CA VAL B 352 17.80 -0.20 -25.28
C VAL B 352 17.76 -0.31 -23.76
N MET B 353 16.57 -0.56 -23.21
CA MET B 353 16.27 -0.66 -21.76
C MET B 353 15.60 -2.00 -21.43
N PHE B 354 14.76 -2.49 -22.34
CA PHE B 354 13.90 -3.67 -22.09
C PHE B 354 14.37 -4.80 -22.99
N TRP B 355 14.67 -5.94 -22.37
CA TRP B 355 15.25 -7.10 -23.07
C TRP B 355 14.93 -8.35 -22.29
N ARG B 356 15.21 -9.50 -22.88
CA ARG B 356 15.06 -10.81 -22.23
C ARG B 356 15.84 -11.83 -23.04
N ALA B 357 16.31 -12.90 -22.38
CA ALA B 357 17.11 -13.97 -23.00
C ALA B 357 16.61 -15.33 -22.51
N LYS B 358 16.75 -16.36 -23.34
CA LYS B 358 16.47 -17.77 -22.98
C LYS B 358 17.70 -18.61 -23.33
N ALA B 359 18.19 -19.39 -22.37
CA ALA B 359 19.32 -20.34 -22.56
C ALA B 359 18.73 -21.63 -23.14
N HIS B 360 19.04 -21.92 -24.40
CA HIS B 360 18.88 -23.26 -25.02
C HIS B 360 20.22 -23.98 -24.90
N PRO B 361 20.25 -25.33 -24.90
CA PRO B 361 21.51 -26.07 -24.82
C PRO B 361 22.52 -25.65 -25.90
N ASP B 362 22.04 -25.20 -27.07
CA ASP B 362 22.84 -24.92 -28.28
C ASP B 362 22.98 -23.42 -28.57
N VAL B 363 22.10 -22.55 -28.05
CA VAL B 363 22.00 -21.13 -28.52
C VAL B 363 21.34 -20.23 -27.47
N LEU B 364 21.85 -19.00 -27.35
CA LEU B 364 21.25 -17.93 -26.51
C LEU B 364 20.28 -17.15 -27.39
N GLU B 365 18.99 -17.24 -27.08
CA GLU B 365 17.92 -16.44 -27.73
C GLU B 365 17.79 -15.14 -26.92
N LEU B 366 17.94 -13.98 -27.56
CA LEU B 366 17.83 -12.67 -26.88
C LEU B 366 17.00 -11.72 -27.74
N GLU B 367 16.04 -11.04 -27.10
CA GLU B 367 15.15 -10.02 -27.72
C GLU B 367 15.29 -8.72 -26.92
N PHE B 368 15.17 -7.59 -27.60
CA PHE B 368 15.11 -6.27 -26.93
C PHE B 368 14.37 -5.28 -27.82
N GLU B 369 13.77 -4.28 -27.19
CA GLU B 369 13.10 -3.15 -27.88
C GLU B 369 14.14 -2.07 -28.21
N ALA B 370 14.09 -1.55 -29.44
CA ALA B 370 14.85 -0.37 -29.89
C ALA B 370 14.04 0.36 -30.95
N PRO B 371 14.07 1.71 -30.95
CA PRO B 371 13.53 2.49 -32.07
C PRO B 371 14.12 2.01 -33.39
N GLU B 372 13.36 2.18 -34.47
CA GLU B 372 13.60 1.54 -35.80
C GLU B 372 14.96 1.96 -36.37
N PRO B 373 15.34 3.26 -36.37
CA PRO B 373 16.58 3.69 -37.04
C PRO B 373 17.82 2.93 -36.53
N VAL B 374 17.82 2.59 -35.24
CA VAL B 374 19.04 2.19 -34.48
C VAL B 374 19.07 0.68 -34.29
N ARG B 375 17.96 -0.02 -34.56
CA ARG B 375 17.74 -1.43 -34.17
C ARG B 375 18.86 -2.32 -34.74
N GLN B 376 19.15 -2.22 -36.05
CA GLN B 376 20.13 -3.07 -36.76
C GLN B 376 21.55 -2.84 -36.20
N ARG B 377 21.90 -1.59 -35.91
CA ARG B 377 23.17 -1.25 -35.19
C ARG B 377 23.22 -2.03 -33.87
N ALA B 378 22.14 -1.97 -33.09
CA ALA B 378 22.04 -2.57 -31.73
C ALA B 378 22.23 -4.08 -31.85
N VAL B 379 21.49 -4.74 -32.75
CA VAL B 379 21.53 -6.22 -32.97
C VAL B 379 22.98 -6.61 -33.29
N LYS B 380 23.62 -5.87 -34.18
CA LYS B 380 25.00 -6.16 -34.65
C LYS B 380 26.00 -5.96 -33.51
N GLU B 381 25.93 -4.83 -32.79
CA GLU B 381 26.90 -4.49 -31.72
C GLU B 381 26.72 -5.47 -30.55
N LEU B 382 25.49 -5.82 -30.18
CA LEU B 382 25.27 -6.78 -29.06
C LEU B 382 25.79 -8.16 -29.46
N GLY B 383 25.59 -8.56 -30.72
CA GLY B 383 26.14 -9.81 -31.29
C GLY B 383 27.67 -9.83 -31.20
N ALA B 384 28.34 -8.73 -31.55
CA ALA B 384 29.82 -8.64 -31.55
C ALA B 384 30.30 -8.69 -30.10
N ALA B 385 29.58 -8.04 -29.18
CA ALA B 385 29.89 -8.06 -27.74
C ALA B 385 29.82 -9.49 -27.20
N LEU B 386 28.76 -10.24 -27.56
CA LEU B 386 28.55 -11.66 -27.12
C LEU B 386 29.66 -12.55 -27.69
N ASP B 387 29.96 -12.42 -28.99
CA ASP B 387 31.08 -13.15 -29.65
C ASP B 387 32.37 -12.86 -28.87
N ARG B 388 32.70 -11.59 -28.62
CA ARG B 388 34.00 -11.17 -28.03
C ARG B 388 34.07 -11.60 -26.55
N GLU B 389 32.97 -11.53 -25.80
CA GLU B 389 33.01 -11.66 -24.32
C GLU B 389 32.61 -13.08 -23.88
N LEU B 390 31.74 -13.77 -24.61
CA LEU B 390 31.20 -15.10 -24.19
C LEU B 390 31.51 -16.19 -25.22
N GLY B 391 31.58 -15.84 -26.50
CA GLY B 391 31.71 -16.80 -27.61
C GLY B 391 30.56 -17.80 -27.65
N VAL B 392 29.35 -17.42 -27.23
CA VAL B 392 28.13 -18.27 -27.37
C VAL B 392 27.52 -18.04 -28.75
N PRO B 393 26.91 -19.09 -29.35
CA PRO B 393 26.00 -18.91 -30.47
C PRO B 393 24.74 -18.21 -29.93
N HIS B 394 24.19 -17.28 -30.73
CA HIS B 394 23.09 -16.39 -30.33
C HIS B 394 22.15 -16.18 -31.52
N ARG B 395 20.85 -16.07 -31.23
CA ARG B 395 19.83 -15.48 -32.13
C ARG B 395 19.30 -14.24 -31.42
N ILE B 396 19.73 -13.06 -31.87
CA ILE B 396 19.34 -11.75 -31.30
C ILE B 396 18.30 -11.13 -32.24
N THR B 397 17.15 -10.74 -31.69
CA THR B 397 16.04 -10.09 -32.41
C THR B 397 15.73 -8.73 -31.76
N GLY B 398 15.88 -7.66 -32.52
CA GLY B 398 15.39 -6.33 -32.15
C GLY B 398 13.89 -6.25 -32.39
N LEU B 399 13.14 -5.71 -31.44
CA LEU B 399 11.66 -5.59 -31.45
C LEU B 399 11.23 -4.12 -31.52
N ALA B 400 10.07 -3.85 -32.10
CA ALA B 400 9.43 -2.53 -32.13
C ALA B 400 9.09 -2.13 -30.69
N PRO B 401 9.23 -0.84 -30.32
CA PRO B 401 8.70 -0.38 -29.04
C PRO B 401 7.21 -0.75 -28.94
N GLY B 402 6.74 -1.09 -27.74
CA GLY B 402 5.34 -1.44 -27.48
C GLY B 402 5.13 -2.94 -27.54
N THR B 403 6.19 -3.70 -27.79
CA THR B 403 6.15 -5.16 -28.00
C THR B 403 6.38 -5.90 -26.67
N LEU B 404 7.39 -5.52 -25.90
CA LEU B 404 7.68 -6.18 -24.58
C LEU B 404 6.94 -5.41 -23.49
N VAL B 405 6.96 -4.08 -23.62
CA VAL B 405 6.35 -3.12 -22.68
C VAL B 405 5.29 -2.35 -23.47
N PRO B 406 4.00 -2.75 -23.34
CA PRO B 406 2.94 -2.16 -24.16
C PRO B 406 2.75 -0.67 -23.81
N ALA B 407 2.36 0.08 -24.83
CA ALA B 407 2.10 1.53 -24.75
C ALA B 407 1.09 1.80 -23.63
N GLU B 408 0.11 0.89 -23.42
CA GLU B 408 -0.98 1.16 -22.46
C GLU B 408 -0.40 1.15 -21.04
N ALA B 409 0.63 0.37 -20.74
CA ALA B 409 1.30 0.36 -19.42
C ALA B 409 1.93 1.74 -19.16
N LEU B 410 2.41 2.40 -20.21
CA LEU B 410 3.15 3.67 -20.11
C LEU B 410 2.19 4.88 -20.06
N THR B 411 1.02 4.81 -20.69
CA THR B 411 0.17 6.03 -20.89
C THR B 411 -1.26 5.86 -20.35
N ALA B 412 -1.75 4.65 -20.12
CA ALA B 412 -3.17 4.46 -19.72
C ALA B 412 -3.36 5.13 -18.35
N GLN B 413 -4.46 5.86 -18.21
CA GLN B 413 -4.93 6.49 -16.97
C GLN B 413 -6.10 5.64 -16.49
N ARG B 414 -6.29 5.53 -15.18
CA ARG B 414 -7.37 4.68 -14.63
C ARG B 414 -8.03 5.40 -13.46
N ASP B 415 -9.30 5.78 -13.63
CA ASP B 415 -10.17 6.32 -12.56
C ASP B 415 -10.14 5.34 -11.38
N ILE B 416 -10.14 5.87 -10.15
CA ILE B 416 -10.27 5.05 -8.91
C ILE B 416 -11.77 5.02 -8.56
N LEU B 417 -12.48 4.01 -9.08
CA LEU B 417 -13.96 3.89 -8.97
C LEU B 417 -14.30 3.17 -7.67
N LYS B 418 -15.51 3.40 -7.17
CA LYS B 418 -16.12 2.63 -6.06
C LYS B 418 -17.26 1.82 -6.66
N ALA B 419 -17.69 0.77 -5.98
CA ALA B 419 -18.84 -0.06 -6.39
C ALA B 419 -20.06 0.83 -6.61
N ARG B 420 -20.80 0.53 -7.66
CA ARG B 420 -22.12 1.13 -7.99
C ARG B 420 -23.02 -0.01 -8.44
N TYR B 421 -24.31 0.08 -8.14
CA TYR B 421 -25.26 -1.02 -8.38
C TYR B 421 -26.34 -0.58 -9.38
N LEU B 422 -26.87 0.64 -9.26
CA LEU B 422 -27.92 1.20 -10.17
C LEU B 422 -27.28 2.19 -11.14
N PHE B 423 -27.41 1.95 -12.44
CA PHE B 423 -26.81 2.77 -13.52
C PHE B 423 -27.93 3.42 -14.34
N ALA B 424 -27.70 4.64 -14.82
CA ALA B 424 -28.53 5.29 -15.85
C ALA B 424 -28.27 4.56 -17.18
N GLU B 425 -29.20 4.69 -18.13
CA GLU B 425 -29.24 3.88 -19.37
C GLU B 425 -27.94 3.96 -20.17
N ASP B 426 -27.27 5.12 -20.15
CA ASP B 426 -26.11 5.44 -21.03
C ASP B 426 -24.77 5.09 -20.36
N GLU B 427 -24.78 4.49 -19.16
CA GLU B 427 -23.54 4.18 -18.38
C GLU B 427 -23.09 2.74 -18.62
N ASP B 428 -21.81 2.47 -18.37
CA ASP B 428 -21.24 1.10 -18.44
C ASP B 428 -21.45 0.42 -17.09
N TRP B 429 -22.41 -0.49 -17.00
CA TRP B 429 -22.70 -1.23 -15.74
C TRP B 429 -21.74 -2.42 -15.57
N ASP B 430 -20.71 -2.55 -16.41
CA ASP B 430 -19.63 -3.56 -16.23
C ASP B 430 -18.77 -3.19 -15.02
N LYS B 431 -18.80 -1.94 -14.54
CA LYS B 431 -18.01 -1.52 -13.35
C LYS B 431 -18.86 -1.54 -12.08
N ALA B 432 -19.95 -2.33 -12.04
CA ALA B 432 -20.87 -2.41 -10.89
C ALA B 432 -20.13 -2.97 -9.66
N VAL B 433 -19.73 -4.23 -9.74
CA VAL B 433 -19.16 -5.02 -8.60
C VAL B 433 -17.65 -5.25 -8.83
N MET B 434 -17.22 -5.46 -10.09
CA MET B 434 -15.78 -5.51 -10.50
C MET B 434 -15.39 -4.10 -11.02
N TYR B 435 -15.16 -3.18 -10.08
CA TYR B 435 -14.95 -1.72 -10.29
C TYR B 435 -13.45 -1.39 -10.26
N PHE B 436 -12.60 -2.35 -9.91
CA PHE B 436 -11.12 -2.23 -9.97
C PHE B 436 -10.76 -1.89 -11.43
#